data_6TFD
#
_entry.id   6TFD
#
_cell.length_a   77.722
_cell.length_b   77.722
_cell.length_c   758.201
_cell.angle_alpha   90.000
_cell.angle_beta   90.000
_cell.angle_gamma   120.000
#
_symmetry.space_group_name_H-M   'P 65 2 2'
#
loop_
_entity.id
_entity.type
_entity.pdbx_description
1 polymer 'Copper-containing nitrite reductase'
2 non-polymer 'COPPER (II) ION'
3 non-polymer 'NITRITE ION'
4 non-polymer 'NITRIC OXIDE'
5 water water
#
_entity_poly.entity_id   1
_entity_poly.type   'polypeptide(L)'
_entity_poly.pdbx_seq_one_letter_code
;MAADAPAASQQSKPSESDKSESSMSSHAPVVFTLRTGIAEGRMVYIGVGGDIDRQVNPKLVVHEGETVQINLINGEGAQH
DAVIDQYAARSAIVSGKNASSTFSFIASKVGQFDYYCSLPGHRQAGMQGVLQVVPGNRAEMPSTAADITRDPADLPGPIG
ARQAKTVRIDLETVELKGQLDDKTTYTYWTFNGKVPGPFLRVRVGDTVELHLKNAKDSLMIHSVDFHGATGPGGAAAYTQ
TDPGAETVVTFKALVPGIFVYHCATPSVPNHITNGMYGLLLVEPEGGLPQVDREFYVMQGEIYTVKPFGTSGEQEMDYEK
LISEKPEYFLFNGSVGALTRTHPLYANVGETVRIFFGVGGPNFTSSFHVIGEIFDHVYALGSVTSPPLTGVQTVSVPPGG
ATIVDFKLDRGGRYVLVDHALSRLDHGLVGFLNVDGPKNDAIMHEGPPKQENLYFQ
;
_entity_poly.pdbx_strand_id   A,B,C
#
loop_
_chem_comp.id
_chem_comp.type
_chem_comp.name
_chem_comp.formula
CU non-polymer 'COPPER (II) ION' 'Cu 2'
NO non-polymer 'NITRIC OXIDE' 'N O'
NO2 non-polymer 'NITRITE ION' 'N O2 -1'
#
# COMPACT_ATOMS: atom_id res chain seq x y z
N SER A 26 -25.90 -9.13 9.34
CA SER A 26 -24.79 -8.75 10.29
C SER A 26 -23.53 -8.45 9.48
N HIS A 27 -22.67 -7.55 9.99
CA HIS A 27 -21.38 -7.14 9.38
C HIS A 27 -20.20 -7.79 10.13
N ALA A 28 -20.49 -8.55 11.20
CA ALA A 28 -19.55 -9.47 11.89
C ALA A 28 -20.07 -10.91 11.74
N PRO A 29 -19.87 -11.56 10.57
CA PRO A 29 -20.27 -12.96 10.38
C PRO A 29 -19.40 -13.94 11.19
N VAL A 30 -20.00 -15.07 11.60
CA VAL A 30 -19.27 -16.26 12.11
C VAL A 30 -18.73 -17.02 10.89
N VAL A 31 -17.41 -17.21 10.84
CA VAL A 31 -16.68 -17.69 9.65
C VAL A 31 -16.09 -19.06 9.93
N PHE A 32 -16.25 -19.98 8.96
CA PHE A 32 -15.63 -21.33 8.95
C PHE A 32 -14.93 -21.53 7.61
N THR A 33 -13.74 -22.10 7.64
CA THR A 33 -12.97 -22.46 6.43
C THR A 33 -12.84 -23.99 6.39
N LEU A 34 -13.12 -24.59 5.23
CA LEU A 34 -13.06 -26.06 5.06
C LEU A 34 -12.12 -26.32 3.90
N ARG A 35 -11.09 -27.14 4.12
CA ARG A 35 -10.25 -27.64 3.00
C ARG A 35 -10.63 -29.11 2.72
N THR A 36 -10.86 -29.47 1.46
CA THR A 36 -11.15 -30.88 1.07
C THR A 36 -9.86 -31.70 1.12
N GLY A 37 -9.97 -32.96 1.52
CA GLY A 37 -8.82 -33.87 1.54
C GLY A 37 -9.19 -35.31 1.85
N ILE A 38 -8.17 -36.06 2.25
CA ILE A 38 -8.17 -37.51 2.60
C ILE A 38 -7.71 -37.63 4.05
N ALA A 39 -8.56 -38.16 4.92
CA ALA A 39 -8.26 -38.37 6.35
C ALA A 39 -9.18 -39.47 6.87
N GLU A 40 -8.70 -40.23 7.85
CA GLU A 40 -9.47 -41.29 8.56
C GLU A 40 -10.01 -42.31 7.56
N GLY A 41 -9.35 -42.47 6.41
CA GLY A 41 -9.70 -43.50 5.39
C GLY A 41 -10.76 -43.05 4.40
N ARG A 42 -11.10 -41.76 4.41
CA ARG A 42 -12.25 -41.21 3.62
C ARG A 42 -11.87 -39.88 2.94
N MET A 43 -12.57 -39.53 1.87
CA MET A 43 -12.58 -38.17 1.29
C MET A 43 -13.53 -37.29 2.11
N VAL A 44 -12.99 -36.24 2.72
CA VAL A 44 -13.67 -35.46 3.80
C VAL A 44 -13.42 -33.96 3.59
N TYR A 45 -14.13 -33.17 4.39
CA TYR A 45 -13.83 -31.74 4.64
C TYR A 45 -12.89 -31.74 5.84
N ILE A 46 -11.89 -30.86 5.88
CA ILE A 46 -10.97 -30.67 7.04
C ILE A 46 -11.05 -29.21 7.47
N GLY A 47 -11.37 -28.98 8.74
CA GLY A 47 -11.42 -27.61 9.29
C GLY A 47 -10.06 -26.93 9.20
N VAL A 48 -10.05 -25.63 8.84
CA VAL A 48 -8.86 -24.71 8.86
C VAL A 48 -9.10 -23.53 9.83
N GLY A 49 -8.33 -23.46 10.92
CA GLY A 49 -8.30 -22.30 11.81
C GLY A 49 -9.42 -22.32 12.81
N GLY A 50 -9.49 -21.31 13.70
CA GLY A 50 -10.51 -21.18 14.75
C GLY A 50 -10.66 -22.44 15.57
N ASP A 51 -11.90 -22.76 15.99
CA ASP A 51 -12.25 -23.91 16.88
C ASP A 51 -12.15 -25.26 16.14
N ILE A 52 -12.03 -25.27 14.80
CA ILE A 52 -12.15 -26.49 13.98
C ILE A 52 -10.83 -26.87 13.29
N ASP A 53 -9.68 -26.29 13.69
CA ASP A 53 -8.38 -26.50 12.99
C ASP A 53 -8.05 -28.00 12.97
N ARG A 54 -7.91 -28.61 11.79
CA ARG A 54 -7.41 -30.00 11.58
C ARG A 54 -8.49 -31.07 11.90
N GLN A 55 -9.69 -30.69 12.38
CA GLN A 55 -10.82 -31.62 12.62
C GLN A 55 -11.45 -32.09 11.30
N VAL A 56 -11.89 -33.35 11.21
CA VAL A 56 -12.45 -33.88 9.93
C VAL A 56 -13.99 -33.82 10.03
N ASN A 57 -14.63 -33.35 8.96
CA ASN A 57 -16.09 -33.13 8.90
C ASN A 57 -16.50 -32.49 10.22
N PRO A 58 -15.94 -31.32 10.59
CA PRO A 58 -16.20 -30.71 11.89
C PRO A 58 -17.63 -30.20 12.00
N LYS A 59 -18.22 -30.32 13.19
CA LYS A 59 -19.51 -29.68 13.55
C LYS A 59 -19.31 -28.17 13.57
N LEU A 60 -20.12 -27.42 12.80
CA LEU A 60 -20.12 -25.94 12.70
C LEU A 60 -21.21 -25.40 13.62
N VAL A 61 -20.86 -24.97 14.83
CA VAL A 61 -21.86 -24.59 15.88
C VAL A 61 -22.14 -23.09 15.79
N VAL A 62 -23.42 -22.75 15.66
CA VAL A 62 -23.89 -21.38 15.32
C VAL A 62 -25.10 -21.08 16.20
N HIS A 63 -25.31 -19.82 16.59
CA HIS A 63 -26.48 -19.38 17.41
C HIS A 63 -27.56 -18.81 16.47
N GLU A 64 -28.82 -19.08 16.79
CA GLU A 64 -30.02 -18.60 16.04
C GLU A 64 -29.79 -17.14 15.67
N GLY A 65 -29.94 -16.82 14.37
CA GLY A 65 -29.94 -15.44 13.86
C GLY A 65 -28.58 -14.93 13.40
N GLU A 66 -27.50 -15.69 13.60
CA GLU A 66 -26.14 -15.28 13.13
C GLU A 66 -26.08 -15.38 11.59
N THR A 67 -25.23 -14.56 11.00
CA THR A 67 -24.84 -14.65 9.57
C THR A 67 -23.63 -15.57 9.50
N VAL A 68 -23.72 -16.60 8.65
CA VAL A 68 -22.72 -17.71 8.55
C VAL A 68 -22.04 -17.56 7.20
N GLN A 69 -20.71 -17.48 7.23
CA GLN A 69 -19.84 -17.45 6.02
C GLN A 69 -19.03 -18.73 6.07
N ILE A 70 -19.08 -19.52 5.00
CA ILE A 70 -18.30 -20.78 4.86
C ILE A 70 -17.37 -20.60 3.66
N ASN A 71 -16.07 -20.78 3.88
CA ASN A 71 -15.03 -20.74 2.83
C ASN A 71 -14.60 -22.17 2.47
N LEU A 72 -14.95 -22.64 1.27
CA LEU A 72 -14.46 -23.93 0.73
C LEU A 72 -13.16 -23.75 -0.08
N ILE A 73 -12.10 -24.47 0.31
CA ILE A 73 -10.80 -24.53 -0.42
C ILE A 73 -10.52 -25.96 -0.84
N ASN A 74 -10.39 -26.20 -2.14
CA ASN A 74 -10.03 -27.50 -2.75
C ASN A 74 -8.62 -27.88 -2.27
N GLY A 75 -8.47 -29.03 -1.62
CA GLY A 75 -7.18 -29.44 -1.04
C GLY A 75 -6.39 -30.38 -1.94
N GLU A 76 -7.03 -31.40 -2.53
CA GLU A 76 -6.34 -32.57 -3.15
C GLU A 76 -6.53 -32.63 -4.67
N GLY A 77 -7.54 -31.96 -5.23
CA GLY A 77 -7.63 -31.68 -6.67
C GLY A 77 -8.80 -32.33 -7.40
N ALA A 78 -9.67 -33.05 -6.70
CA ALA A 78 -10.93 -33.53 -7.29
C ALA A 78 -11.95 -32.39 -7.22
N GLN A 79 -13.08 -32.51 -7.91
CA GLN A 79 -14.15 -31.48 -7.97
C GLN A 79 -14.98 -31.55 -6.69
N HIS A 80 -15.26 -30.40 -6.05
CA HIS A 80 -16.05 -30.33 -4.80
C HIS A 80 -16.99 -29.10 -4.76
N ASP A 81 -18.08 -29.25 -4.02
CA ASP A 81 -18.87 -28.12 -3.51
C ASP A 81 -19.27 -28.45 -2.07
N ALA A 82 -20.05 -27.57 -1.45
CA ALA A 82 -20.67 -27.75 -0.11
C ALA A 82 -22.10 -27.23 -0.21
N VAL A 83 -23.05 -28.03 0.25
CA VAL A 83 -24.50 -27.80 0.06
C VAL A 83 -25.17 -27.98 1.41
N ILE A 84 -26.13 -27.10 1.72
CA ILE A 84 -26.99 -27.16 2.93
C ILE A 84 -28.43 -27.00 2.44
N ASP A 85 -29.14 -28.11 2.39
CA ASP A 85 -30.43 -28.20 1.64
C ASP A 85 -31.44 -27.24 2.28
N GLN A 86 -31.61 -27.31 3.60
CA GLN A 86 -32.69 -26.59 4.33
C GLN A 86 -32.50 -25.07 4.22
N TYR A 87 -31.31 -24.58 3.84
CA TYR A 87 -30.97 -23.13 3.77
C TYR A 87 -30.82 -22.68 2.31
N ALA A 88 -31.12 -23.56 1.36
CA ALA A 88 -30.98 -23.27 -0.09
C ALA A 88 -29.62 -22.61 -0.36
N ALA A 89 -28.60 -23.02 0.39
CA ALA A 89 -27.26 -22.37 0.38
C ALA A 89 -26.25 -23.35 -0.21
N ARG A 90 -25.31 -22.86 -1.01
CA ARG A 90 -24.22 -23.72 -1.56
C ARG A 90 -23.04 -22.89 -2.09
N SER A 91 -21.87 -23.51 -2.08
CA SER A 91 -20.65 -23.03 -2.75
C SER A 91 -20.82 -23.23 -4.24
N ALA A 92 -19.94 -22.65 -5.05
CA ALA A 92 -19.74 -23.08 -6.45
C ALA A 92 -18.85 -24.33 -6.43
N ILE A 93 -18.63 -24.93 -7.60
CA ILE A 93 -17.77 -26.13 -7.77
C ILE A 93 -16.31 -25.68 -7.88
N VAL A 94 -15.44 -26.21 -7.03
CA VAL A 94 -13.98 -25.90 -7.06
C VAL A 94 -13.24 -27.13 -7.61
N SER A 95 -12.42 -26.91 -8.64
CA SER A 95 -11.82 -27.99 -9.48
C SER A 95 -10.35 -28.21 -9.10
N GLY A 96 -9.47 -27.22 -9.30
CA GLY A 96 -8.01 -27.38 -9.05
C GLY A 96 -7.64 -27.20 -7.58
N LYS A 97 -6.49 -27.71 -7.15
CA LYS A 97 -5.92 -27.44 -5.79
C LYS A 97 -5.88 -25.92 -5.56
N ASN A 98 -6.37 -25.48 -4.40
CA ASN A 98 -6.38 -24.07 -3.92
C ASN A 98 -7.59 -23.30 -4.47
N ALA A 99 -8.30 -23.84 -5.46
CA ALA A 99 -9.57 -23.24 -5.96
C ALA A 99 -10.55 -23.17 -4.79
N SER A 100 -11.20 -22.00 -4.67
CA SER A 100 -11.97 -21.54 -3.49
C SER A 100 -13.31 -20.97 -3.94
N SER A 101 -14.35 -21.13 -3.13
CA SER A 101 -15.71 -20.55 -3.27
C SER A 101 -16.23 -20.27 -1.86
N THR A 102 -16.72 -19.06 -1.58
CA THR A 102 -17.32 -18.75 -0.26
C THR A 102 -18.78 -18.37 -0.48
N PHE A 103 -19.62 -18.73 0.48
CA PHE A 103 -21.08 -18.49 0.51
C PHE A 103 -21.51 -18.14 1.94
N SER A 104 -22.67 -17.52 2.05
CA SER A 104 -23.25 -17.07 3.34
C SER A 104 -24.77 -17.21 3.33
N PHE A 105 -25.33 -17.15 4.54
CA PHE A 105 -26.77 -17.28 4.84
C PHE A 105 -26.99 -16.85 6.28
N ILE A 106 -28.25 -16.56 6.63
CA ILE A 106 -28.67 -16.26 8.03
C ILE A 106 -29.17 -17.56 8.65
N ALA A 107 -28.55 -17.99 9.75
CA ALA A 107 -28.95 -19.15 10.57
C ALA A 107 -30.30 -18.88 11.23
N SER A 108 -31.36 -18.78 10.43
CA SER A 108 -32.72 -18.42 10.91
C SER A 108 -33.42 -19.63 11.54
N LYS A 109 -32.94 -20.86 11.30
CA LYS A 109 -33.61 -22.12 11.73
C LYS A 109 -32.73 -22.90 12.72
N VAL A 110 -33.30 -23.26 13.86
CA VAL A 110 -32.62 -24.04 14.94
C VAL A 110 -32.71 -25.53 14.59
N GLY A 111 -31.64 -26.27 14.82
CA GLY A 111 -31.58 -27.72 14.59
C GLY A 111 -30.26 -28.11 13.96
N GLN A 112 -30.23 -29.29 13.31
CA GLN A 112 -29.00 -29.91 12.75
C GLN A 112 -29.21 -30.13 11.25
N PHE A 113 -28.31 -29.58 10.43
CA PHE A 113 -28.38 -29.62 8.95
C PHE A 113 -27.07 -30.18 8.41
N ASP A 114 -27.15 -31.13 7.48
CA ASP A 114 -25.98 -31.71 6.79
C ASP A 114 -25.43 -30.63 5.86
N TYR A 115 -24.12 -30.41 5.92
CA TYR A 115 -23.35 -29.84 4.79
C TYR A 115 -22.67 -31.02 4.08
N TYR A 116 -22.68 -31.02 2.75
CA TYR A 116 -22.26 -32.19 1.96
C TYR A 116 -21.85 -31.77 0.55
N CYS A 117 -21.01 -32.60 -0.07
CA CYS A 117 -20.54 -32.42 -1.47
C CYS A 117 -21.50 -33.18 -2.42
N SER A 118 -22.01 -32.50 -3.44
CA SER A 118 -23.03 -33.00 -4.40
C SER A 118 -22.38 -33.67 -5.63
N LEU A 119 -21.04 -33.68 -5.74
CA LEU A 119 -20.37 -34.35 -6.88
C LEU A 119 -20.64 -35.86 -6.79
N PRO A 120 -20.84 -36.56 -7.92
CA PRO A 120 -21.12 -37.99 -7.90
C PRO A 120 -20.19 -38.78 -6.96
N GLY A 121 -20.78 -39.52 -6.01
CA GLY A 121 -20.07 -40.43 -5.10
C GLY A 121 -19.54 -39.75 -3.84
N HIS A 122 -19.27 -38.44 -3.89
CA HIS A 122 -18.41 -37.76 -2.87
C HIS A 122 -19.10 -37.83 -1.51
N ARG A 123 -20.43 -37.76 -1.44
CA ARG A 123 -21.15 -37.80 -0.14
C ARG A 123 -20.98 -39.18 0.50
N GLN A 124 -21.29 -40.22 -0.29
CA GLN A 124 -21.07 -41.64 0.10
C GLN A 124 -19.60 -41.89 0.49
N ALA A 125 -18.63 -41.25 -0.19
CA ALA A 125 -17.16 -41.40 0.07
C ALA A 125 -16.73 -40.69 1.37
N GLY A 126 -17.56 -39.80 1.96
CA GLY A 126 -17.33 -39.24 3.33
C GLY A 126 -17.51 -37.73 3.48
N MET A 127 -17.71 -37.01 2.38
CA MET A 127 -17.86 -35.53 2.40
C MET A 127 -19.26 -35.19 2.94
N GLN A 128 -19.38 -35.16 4.26
CA GLN A 128 -20.64 -34.76 4.94
C GLN A 128 -20.30 -34.41 6.40
N GLY A 129 -20.78 -33.25 6.88
CA GLY A 129 -20.70 -32.87 8.32
C GLY A 129 -22.02 -32.26 8.78
N VAL A 130 -22.10 -31.79 10.04
CA VAL A 130 -23.35 -31.13 10.52
C VAL A 130 -23.08 -29.65 10.85
N LEU A 131 -23.98 -28.78 10.37
CA LEU A 131 -24.21 -27.41 10.91
C LEU A 131 -25.23 -27.51 12.05
N GLN A 132 -24.83 -27.18 13.27
CA GLN A 132 -25.76 -27.11 14.45
C GLN A 132 -26.07 -25.64 14.73
N VAL A 133 -27.35 -25.28 14.63
CA VAL A 133 -27.91 -23.95 15.01
C VAL A 133 -28.61 -24.10 16.37
N VAL A 134 -28.14 -23.33 17.35
CA VAL A 134 -28.55 -23.40 18.78
C VAL A 134 -29.37 -22.14 19.11
N PRO A 135 -30.44 -22.25 19.92
CA PRO A 135 -31.26 -21.09 20.28
C PRO A 135 -30.52 -20.11 21.24
N GLY A 136 -30.89 -18.83 21.18
CA GLY A 136 -30.32 -17.76 22.02
C GLY A 136 -28.94 -17.31 21.57
N ASN A 137 -28.41 -16.25 22.17
CA ASN A 137 -27.21 -15.53 21.68
C ASN A 137 -25.94 -16.24 22.16
N ARG A 138 -24.84 -16.01 21.46
CA ARG A 138 -23.48 -16.51 21.80
C ARG A 138 -23.03 -15.82 23.10
N ALA A 139 -22.76 -16.56 24.19
CA ALA A 139 -22.14 -16.02 25.43
C ALA A 139 -20.77 -15.47 25.06
N GLU A 140 -20.26 -14.42 25.74
CA GLU A 140 -18.85 -13.98 25.55
C GLU A 140 -17.93 -14.95 26.34
N MET A 141 -16.80 -15.31 25.76
CA MET A 141 -15.79 -16.19 26.42
C MET A 141 -15.15 -15.43 27.58
N PRO A 142 -14.96 -16.02 28.78
CA PRO A 142 -14.38 -15.27 29.91
C PRO A 142 -12.91 -15.00 29.63
N SER A 143 -12.47 -13.74 29.67
CA SER A 143 -11.05 -13.36 29.37
C SER A 143 -10.08 -13.99 30.37
N THR A 144 -8.80 -14.04 29.96
CA THR A 144 -7.64 -14.65 30.63
C THR A 144 -6.60 -13.56 30.99
N ALA A 145 -6.59 -12.46 30.23
CA ALA A 145 -5.62 -11.33 30.36
C ALA A 145 -6.39 -10.01 30.45
N ALA A 146 -5.65 -8.93 30.68
CA ALA A 146 -6.17 -7.56 30.89
C ALA A 146 -6.87 -7.09 29.63
N ASP A 147 -7.96 -6.36 29.78
CA ASP A 147 -8.61 -5.57 28.70
C ASP A 147 -7.68 -4.38 28.38
N ILE A 148 -7.14 -4.32 27.17
CA ILE A 148 -6.16 -3.25 26.80
C ILE A 148 -6.76 -2.32 25.76
N THR A 149 -8.05 -2.44 25.42
CA THR A 149 -8.71 -1.49 24.49
C THR A 149 -9.17 -0.23 25.23
N ARG A 150 -8.72 0.91 24.72
CA ARG A 150 -9.23 2.28 24.98
C ARG A 150 -10.69 2.40 24.54
N ASP A 151 -11.59 2.85 25.41
CA ASP A 151 -12.96 3.20 24.98
C ASP A 151 -12.85 4.39 24.04
N PRO A 152 -13.52 4.38 22.87
CA PRO A 152 -13.47 5.51 21.94
C PRO A 152 -14.07 6.80 22.53
N ALA A 153 -14.87 6.68 23.59
CA ALA A 153 -15.45 7.82 24.33
C ALA A 153 -14.49 8.33 25.40
N ASP A 154 -13.37 7.63 25.66
CA ASP A 154 -12.45 7.97 26.78
C ASP A 154 -11.45 9.01 26.27
N LEU A 155 -11.87 10.28 26.23
CA LEU A 155 -11.00 11.43 25.87
C LEU A 155 -11.51 12.69 26.55
N PRO A 156 -10.61 13.62 26.89
CA PRO A 156 -11.03 14.91 27.43
C PRO A 156 -11.74 15.70 26.33
N GLY A 157 -12.84 16.38 26.70
CA GLY A 157 -13.63 17.24 25.80
C GLY A 157 -12.93 18.56 25.45
N PRO A 158 -13.56 19.41 24.60
CA PRO A 158 -12.98 20.70 24.21
C PRO A 158 -12.52 21.54 25.41
N ILE A 159 -11.31 22.10 25.35
CA ILE A 159 -10.80 23.04 26.41
C ILE A 159 -11.60 24.33 26.28
N GLY A 160 -11.84 25.04 27.37
CA GLY A 160 -12.43 26.39 27.24
C GLY A 160 -11.62 27.27 26.29
N ALA A 161 -12.15 28.43 25.95
CA ALA A 161 -11.32 29.61 25.67
C ALA A 161 -10.62 29.93 27.00
N ARG A 162 -9.32 30.19 26.96
CA ARG A 162 -8.48 30.50 28.14
C ARG A 162 -7.11 30.91 27.62
N GLN A 163 -6.31 31.52 28.48
CA GLN A 163 -4.92 31.92 28.14
C GLN A 163 -4.07 30.66 27.99
N ALA A 164 -3.10 30.72 27.09
CA ALA A 164 -1.97 29.78 27.03
C ALA A 164 -1.45 29.57 28.46
N LYS A 165 -0.99 28.37 28.80
CA LYS A 165 -0.35 28.08 30.10
C LYS A 165 0.46 26.78 30.07
N THR A 166 1.15 26.48 31.18
CA THR A 166 1.87 25.22 31.41
C THR A 166 0.88 24.12 31.75
N VAL A 167 0.83 23.06 30.95
CA VAL A 167 0.03 21.83 31.24
C VAL A 167 1.02 20.71 31.55
N ARG A 168 0.80 19.99 32.66
CA ARG A 168 1.59 18.81 33.05
C ARG A 168 0.86 17.55 32.57
N ILE A 169 1.59 16.66 31.89
CA ILE A 169 1.09 15.36 31.37
C ILE A 169 1.96 14.24 31.95
N ASP A 170 1.31 13.19 32.48
CA ASP A 170 1.98 12.00 33.05
C ASP A 170 1.67 10.81 32.15
N LEU A 171 2.73 10.18 31.66
CA LEU A 171 2.66 8.96 30.82
C LEU A 171 3.44 7.89 31.55
N GLU A 172 2.86 6.68 31.60
CA GLU A 172 3.50 5.45 32.15
C GLU A 172 3.59 4.36 31.07
N THR A 173 4.80 3.90 30.79
CA THR A 173 5.08 2.84 29.78
C THR A 173 4.97 1.48 30.50
N VAL A 174 3.99 0.65 30.10
CA VAL A 174 3.61 -0.60 30.80
C VAL A 174 3.55 -1.73 29.77
N GLU A 175 4.32 -2.81 30.00
CA GLU A 175 4.31 -4.08 29.23
C GLU A 175 3.42 -5.08 29.97
N LEU A 176 2.50 -5.73 29.27
CA LEU A 176 1.46 -6.54 29.95
C LEU A 176 0.71 -7.35 28.90
N LYS A 177 0.25 -8.55 29.29
CA LYS A 177 -0.52 -9.46 28.43
C LYS A 177 -1.92 -8.86 28.28
N GLY A 178 -2.47 -8.87 27.06
CA GLY A 178 -3.80 -8.34 26.79
C GLY A 178 -4.64 -9.35 26.04
N GLN A 179 -5.95 -9.30 26.22
CA GLN A 179 -6.92 -10.12 25.47
C GLN A 179 -6.99 -9.57 24.03
N LEU A 180 -6.19 -10.17 23.12
CA LEU A 180 -6.12 -9.91 21.65
C LEU A 180 -7.42 -10.31 20.94
N ASP A 181 -7.93 -11.50 21.24
CA ASP A 181 -9.22 -12.03 20.70
C ASP A 181 -9.88 -12.84 21.83
N ASP A 182 -11.09 -13.31 21.58
CA ASP A 182 -11.92 -14.17 22.47
C ASP A 182 -11.07 -15.13 23.33
N LYS A 183 -10.26 -16.00 22.72
CA LYS A 183 -9.42 -17.02 23.40
C LYS A 183 -7.97 -16.90 22.94
N THR A 184 -7.51 -15.70 22.62
CA THR A 184 -6.08 -15.49 22.24
C THR A 184 -5.56 -14.24 22.97
N THR A 185 -4.29 -14.31 23.39
CA THR A 185 -3.59 -13.28 24.20
C THR A 185 -2.31 -12.87 23.45
N TYR A 186 -1.67 -11.78 23.88
CA TYR A 186 -0.47 -11.20 23.25
C TYR A 186 0.21 -10.29 24.29
N THR A 187 1.54 -10.17 24.28
CA THR A 187 2.27 -9.21 25.15
C THR A 187 2.23 -7.85 24.45
N TYR A 188 1.42 -6.93 24.98
CA TYR A 188 1.28 -5.51 24.54
C TYR A 188 2.28 -4.64 25.32
N TRP A 189 2.87 -3.66 24.64
CA TRP A 189 3.60 -2.52 25.22
C TRP A 189 2.68 -1.32 25.05
N THR A 190 2.43 -0.58 26.13
CA THR A 190 1.42 0.51 26.14
C THR A 190 1.93 1.79 26.84
N PHE A 191 1.19 2.88 26.59
CA PHE A 191 1.16 4.10 27.40
C PHE A 191 -0.04 3.92 28.33
N ASN A 192 0.19 3.65 29.62
CA ASN A 192 -0.89 3.63 30.67
C ASN A 192 -1.85 2.46 30.46
N GLY A 193 -1.33 1.32 29.98
CA GLY A 193 -2.02 0.03 30.06
C GLY A 193 -3.13 -0.16 29.04
N LYS A 194 -3.23 0.69 27.99
CA LYS A 194 -4.33 0.62 26.98
C LYS A 194 -3.85 1.11 25.60
N VAL A 195 -4.56 0.71 24.54
CA VAL A 195 -4.18 0.95 23.11
C VAL A 195 -5.42 1.49 22.39
N PRO A 196 -5.38 2.69 21.79
CA PRO A 196 -4.24 3.59 21.88
C PRO A 196 -4.03 4.15 23.30
N GLY A 197 -2.89 4.81 23.50
CA GLY A 197 -2.55 5.57 24.71
C GLY A 197 -3.53 6.72 25.01
N PRO A 198 -3.32 7.45 26.13
CA PRO A 198 -4.16 8.57 26.51
C PRO A 198 -4.29 9.65 25.43
N PHE A 199 -5.53 10.09 25.14
CA PHE A 199 -5.81 11.25 24.26
C PHE A 199 -5.33 12.51 24.97
N LEU A 200 -4.31 13.15 24.42
CA LEU A 200 -3.72 14.39 25.00
C LEU A 200 -4.34 15.61 24.29
N ARG A 201 -4.79 16.58 25.08
CA ARG A 201 -5.49 17.78 24.56
C ARG A 201 -4.89 19.00 25.23
N VAL A 202 -4.20 19.84 24.45
CA VAL A 202 -3.68 21.17 24.86
C VAL A 202 -4.19 22.21 23.86
N ARG A 203 -3.99 23.49 24.21
N ARG A 203 -4.06 23.50 24.21
CA ARG A 203 -4.30 24.69 23.40
CA ARG A 203 -4.37 24.67 23.34
C ARG A 203 -2.98 25.12 22.76
C ARG A 203 -3.04 25.18 22.78
N VAL A 204 -3.02 25.65 21.53
CA VAL A 204 -1.79 26.23 20.89
C VAL A 204 -1.27 27.39 21.78
N GLY A 205 0.05 27.54 21.86
CA GLY A 205 0.73 28.44 22.81
C GLY A 205 1.10 27.76 24.12
N ASP A 206 0.39 26.70 24.53
CA ASP A 206 0.63 26.02 25.84
C ASP A 206 2.09 25.56 25.91
N THR A 207 2.60 25.41 27.13
CA THR A 207 3.90 24.75 27.42
C THR A 207 3.54 23.41 28.06
N VAL A 208 4.03 22.29 27.50
CA VAL A 208 3.75 20.93 28.02
C VAL A 208 4.93 20.49 28.89
N GLU A 209 4.64 20.15 30.16
CA GLU A 209 5.58 19.54 31.14
C GLU A 209 5.26 18.04 31.16
N LEU A 210 6.04 17.24 30.42
CA LEU A 210 5.79 15.79 30.27
C LEU A 210 6.64 14.98 31.25
N HIS A 211 6.01 14.13 32.06
CA HIS A 211 6.64 13.12 32.94
C HIS A 211 6.41 11.72 32.35
N LEU A 212 7.46 11.04 31.87
CA LEU A 212 7.37 9.63 31.40
C LEU A 212 8.04 8.71 32.45
N LYS A 213 7.23 7.86 33.07
CA LYS A 213 7.69 6.81 34.02
C LYS A 213 7.68 5.49 33.26
N ASN A 214 8.79 4.74 33.31
CA ASN A 214 8.88 3.34 32.83
C ASN A 214 8.59 2.45 34.04
N ALA A 215 7.53 1.63 33.98
CA ALA A 215 7.21 0.70 35.09
C ALA A 215 8.44 -0.19 35.41
N LYS A 216 8.54 -0.61 36.67
CA LYS A 216 9.68 -1.41 37.20
C LYS A 216 9.73 -2.77 36.50
N ASP A 217 8.57 -3.34 36.17
CA ASP A 217 8.46 -4.72 35.61
C ASP A 217 8.67 -4.71 34.07
N SER A 218 8.96 -3.57 33.44
CA SER A 218 9.35 -3.49 32.01
C SER A 218 10.72 -4.14 31.76
N LEU A 219 10.82 -4.95 30.70
CA LEU A 219 12.12 -5.47 30.19
C LEU A 219 12.86 -4.35 29.46
N MET A 220 12.13 -3.49 28.74
CA MET A 220 12.72 -2.63 27.68
C MET A 220 12.72 -1.16 28.13
N ILE A 221 13.71 -0.41 27.64
CA ILE A 221 13.68 1.07 27.55
C ILE A 221 12.44 1.49 26.73
N HIS A 222 11.80 2.59 27.14
CA HIS A 222 10.68 3.23 26.38
C HIS A 222 10.87 4.74 26.32
N SER A 223 10.10 5.39 25.47
CA SER A 223 10.30 6.80 25.07
C SER A 223 8.98 7.34 24.53
N VAL A 224 8.98 8.58 24.04
CA VAL A 224 7.85 9.13 23.24
C VAL A 224 8.38 10.21 22.31
N ASP A 225 7.98 10.14 21.04
CA ASP A 225 8.05 11.20 20.00
C ASP A 225 6.62 11.70 19.76
N PHE A 226 6.41 13.02 19.90
CA PHE A 226 5.17 13.78 19.52
C PHE A 226 5.38 14.45 18.15
N HIS A 227 4.51 14.16 17.19
CA HIS A 227 4.54 14.81 15.84
C HIS A 227 4.15 16.29 15.96
N GLY A 228 3.55 16.69 17.10
CA GLY A 228 3.21 18.08 17.45
C GLY A 228 4.27 18.79 18.29
N ALA A 229 5.44 18.19 18.55
CA ALA A 229 6.62 18.82 19.21
C ALA A 229 7.67 19.17 18.16
N THR A 230 8.41 20.27 18.38
CA THR A 230 9.51 20.81 17.53
C THR A 230 10.83 20.64 18.30
N GLY A 231 11.83 19.97 17.72
CA GLY A 231 13.11 19.65 18.39
C GLY A 231 13.52 18.18 18.22
N PRO A 232 14.74 17.76 18.65
CA PRO A 232 15.22 16.38 18.45
C PRO A 232 14.30 15.23 18.90
N GLY A 233 14.07 14.29 17.97
CA GLY A 233 13.18 13.13 18.13
C GLY A 233 11.72 13.49 18.42
N GLY A 234 11.31 14.75 18.22
CA GLY A 234 10.00 15.27 18.72
C GLY A 234 9.79 14.90 20.20
N ALA A 235 10.90 14.88 20.97
CA ALA A 235 11.02 14.70 22.44
C ALA A 235 11.67 13.35 22.79
N ALA A 236 11.86 12.45 21.82
CA ALA A 236 12.45 11.09 21.99
C ALA A 236 13.86 11.22 22.57
N ALA A 237 14.62 12.20 22.11
CA ALA A 237 16.02 12.46 22.52
C ALA A 237 16.08 12.77 24.02
N TYR A 238 14.98 13.16 24.66
CA TYR A 238 14.94 13.57 26.10
C TYR A 238 14.21 12.52 26.96
N THR A 239 13.62 11.50 26.39
CA THR A 239 12.65 10.62 27.09
C THR A 239 13.06 9.15 27.05
N GLN A 240 14.30 8.81 26.68
CA GLN A 240 14.77 7.39 26.72
C GLN A 240 14.88 6.99 28.20
N THR A 241 13.91 6.20 28.70
CA THR A 241 13.67 5.95 30.16
C THR A 241 13.90 4.46 30.49
N ASP A 242 14.83 4.18 31.41
CA ASP A 242 15.14 2.81 31.88
C ASP A 242 13.93 2.35 32.67
N PRO A 243 13.72 1.03 32.82
CA PRO A 243 12.70 0.50 33.74
C PRO A 243 12.87 1.04 35.17
N GLY A 244 11.76 1.42 35.81
CA GLY A 244 11.74 1.94 37.20
C GLY A 244 12.31 3.35 37.33
N ALA A 245 12.65 4.01 36.21
CA ALA A 245 13.12 5.41 36.13
C ALA A 245 12.02 6.34 35.61
N GLU A 246 12.24 7.65 35.72
CA GLU A 246 11.39 8.71 35.11
C GLU A 246 12.26 9.68 34.30
N THR A 247 11.77 10.12 33.15
CA THR A 247 12.31 11.31 32.42
C THR A 247 11.25 12.42 32.42
N VAL A 248 11.75 13.66 32.35
CA VAL A 248 10.94 14.91 32.31
C VAL A 248 11.45 15.78 31.17
N VAL A 249 10.55 16.24 30.31
CA VAL A 249 10.86 17.18 29.19
C VAL A 249 9.79 18.27 29.10
N THR A 250 10.22 19.50 28.78
CA THR A 250 9.33 20.66 28.55
C THR A 250 9.39 21.02 27.07
N PHE A 251 8.23 21.23 26.44
CA PHE A 251 8.16 21.65 25.03
C PHE A 251 6.93 22.54 24.80
N LYS A 252 7.07 23.49 23.87
CA LYS A 252 5.99 24.42 23.44
C LYS A 252 5.24 23.77 22.28
N ALA A 253 3.90 23.76 22.37
CA ALA A 253 2.94 23.43 21.30
C ALA A 253 2.81 24.61 20.31
N LEU A 254 3.66 24.66 19.29
CA LEU A 254 3.75 25.84 18.39
C LEU A 254 2.73 25.74 17.25
N VAL A 255 2.23 24.55 16.94
CA VAL A 255 1.31 24.38 15.78
C VAL A 255 0.05 23.68 16.22
N PRO A 256 -1.13 24.16 15.78
CA PRO A 256 -2.39 23.44 15.98
C PRO A 256 -2.45 22.33 14.93
N GLY A 257 -2.92 21.16 15.37
CA GLY A 257 -3.02 19.95 14.56
C GLY A 257 -3.51 18.79 15.40
N ILE A 258 -3.84 17.70 14.73
CA ILE A 258 -4.14 16.37 15.32
C ILE A 258 -2.95 15.45 15.00
N PHE A 259 -2.08 15.24 15.99
CA PHE A 259 -0.74 14.63 15.80
C PHE A 259 -0.71 13.22 16.41
N VAL A 260 -0.12 12.24 15.72
CA VAL A 260 0.14 10.95 16.42
C VAL A 260 1.40 11.16 17.26
N TYR A 261 1.43 10.52 18.43
CA TYR A 261 2.64 10.33 19.27
C TYR A 261 2.85 8.82 19.37
N HIS A 262 4.11 8.39 19.52
CA HIS A 262 4.49 6.95 19.56
C HIS A 262 5.80 6.79 20.31
N CYS A 263 6.06 5.58 20.86
CA CYS A 263 7.37 5.23 21.47
C CYS A 263 8.42 5.33 20.36
N ALA A 264 9.65 5.65 20.72
CA ALA A 264 10.76 5.91 19.77
C ALA A 264 12.04 5.30 20.33
N THR A 265 11.93 4.14 20.95
CA THR A 265 13.08 3.28 21.33
C THR A 265 13.18 2.18 20.27
N PRO A 266 14.40 1.90 19.75
CA PRO A 266 14.58 0.79 18.81
C PRO A 266 14.24 -0.56 19.43
N SER A 267 13.58 -1.48 18.69
CA SER A 267 13.04 -1.32 17.35
C SER A 267 11.76 -0.48 17.44
N VAL A 268 11.73 0.67 16.76
CA VAL A 268 10.56 1.60 16.79
C VAL A 268 9.38 0.86 16.19
N PRO A 269 9.50 0.23 15.01
CA PRO A 269 8.41 -0.59 14.48
C PRO A 269 7.88 -1.66 15.46
N ASN A 270 8.75 -2.25 16.29
CA ASN A 270 8.36 -3.28 17.30
C ASN A 270 7.57 -2.57 18.40
N HIS A 271 8.11 -1.48 18.94
CA HIS A 271 7.44 -0.70 20.01
C HIS A 271 6.05 -0.23 19.51
N ILE A 272 5.95 0.24 18.26
CA ILE A 272 4.65 0.71 17.70
C ILE A 272 3.69 -0.48 17.55
N THR A 273 4.04 -1.58 16.88
CA THR A 273 3.08 -2.71 16.63
C THR A 273 2.56 -3.26 17.96
N ASN A 274 3.38 -3.29 19.02
CA ASN A 274 2.98 -3.84 20.35
C ASN A 274 2.01 -2.90 21.07
N GLY A 275 1.82 -1.64 20.59
CA GLY A 275 0.69 -0.77 20.94
C GLY A 275 1.05 0.63 21.43
N MET A 276 2.30 1.09 21.31
CA MET A 276 2.77 2.38 21.88
C MET A 276 2.54 3.52 20.86
N TYR A 277 1.27 3.83 20.58
CA TYR A 277 0.80 5.02 19.84
C TYR A 277 -0.46 5.63 20.48
N GLY A 278 -0.61 6.96 20.31
CA GLY A 278 -1.77 7.77 20.75
C GLY A 278 -1.94 9.02 19.88
N LEU A 279 -2.82 9.91 20.30
CA LEU A 279 -3.13 11.17 19.57
C LEU A 279 -2.92 12.35 20.51
N LEU A 280 -2.31 13.41 20.00
CA LEU A 280 -2.19 14.74 20.66
C LEU A 280 -2.95 15.73 19.80
N LEU A 281 -4.07 16.28 20.29
CA LEU A 281 -4.79 17.43 19.66
C LEU A 281 -4.27 18.70 20.30
N VAL A 282 -3.58 19.50 19.50
CA VAL A 282 -3.29 20.93 19.81
C VAL A 282 -4.42 21.77 19.21
N GLU A 283 -5.38 22.19 20.04
CA GLU A 283 -6.54 23.01 19.61
C GLU A 283 -6.04 24.35 19.06
N PRO A 284 -6.64 24.87 17.97
CA PRO A 284 -6.36 26.23 17.55
C PRO A 284 -7.06 27.18 18.54
N GLU A 285 -6.66 28.45 18.53
CA GLU A 285 -7.17 29.46 19.50
C GLU A 285 -8.71 29.51 19.48
N GLY A 286 -9.33 29.50 18.30
CA GLY A 286 -10.79 29.51 18.16
C GLY A 286 -11.49 28.22 18.59
N GLY A 287 -10.73 27.15 18.90
CA GLY A 287 -11.27 25.78 19.07
C GLY A 287 -11.76 25.16 17.76
N LEU A 288 -11.97 23.85 17.75
CA LEU A 288 -12.61 23.20 16.59
C LEU A 288 -14.07 23.62 16.60
N PRO A 289 -14.78 23.55 15.45
CA PRO A 289 -16.22 23.79 15.43
C PRO A 289 -16.95 23.03 16.54
N GLN A 290 -18.00 23.64 17.09
CA GLN A 290 -18.90 23.04 18.10
C GLN A 290 -19.41 21.75 17.47
N VAL A 291 -19.49 20.69 18.26
CA VAL A 291 -20.02 19.37 17.79
C VAL A 291 -20.60 18.69 19.02
N ASP A 292 -21.60 17.82 18.82
CA ASP A 292 -22.39 17.20 19.90
C ASP A 292 -21.61 16.07 20.55
N ARG A 293 -20.72 15.37 19.83
CA ARG A 293 -20.06 14.16 20.40
C ARG A 293 -18.75 13.87 19.66
N GLU A 294 -17.70 13.57 20.43
CA GLU A 294 -16.32 13.27 19.94
C GLU A 294 -15.94 11.82 20.27
N PHE A 295 -15.19 11.17 19.36
CA PHE A 295 -14.62 9.81 19.58
C PHE A 295 -13.14 9.74 19.18
N TYR A 296 -12.43 8.78 19.79
CA TYR A 296 -10.98 8.48 19.68
C TYR A 296 -10.83 7.04 19.11
N VAL A 297 -10.18 6.93 17.96
CA VAL A 297 -9.98 5.66 17.20
C VAL A 297 -8.61 5.71 16.53
N MET A 298 -7.80 4.68 16.78
CA MET A 298 -6.54 4.44 16.04
C MET A 298 -6.47 3.01 15.49
N GLN A 299 -5.84 2.89 14.32
CA GLN A 299 -5.70 1.61 13.58
C GLN A 299 -4.23 1.17 13.68
N GLY A 300 -4.02 -0.11 13.92
CA GLY A 300 -2.67 -0.71 13.94
C GLY A 300 -2.68 -2.13 13.39
N GLU A 301 -1.48 -2.65 13.16
CA GLU A 301 -1.26 -4.04 12.75
C GLU A 301 -0.50 -4.78 13.87
N ILE A 302 -0.80 -6.07 14.00
CA ILE A 302 0.02 -7.02 14.82
C ILE A 302 0.47 -8.20 13.95
N TYR A 303 1.76 -8.51 14.09
CA TYR A 303 2.53 -9.50 13.30
C TYR A 303 2.78 -10.74 14.17
N THR A 304 1.89 -11.73 14.10
CA THR A 304 1.94 -12.97 14.92
C THR A 304 2.52 -14.14 14.12
N VAL A 305 3.18 -15.08 14.82
CA VAL A 305 3.70 -16.37 14.28
C VAL A 305 2.58 -17.18 13.62
N LYS A 306 1.44 -17.30 14.30
CA LYS A 306 0.29 -18.13 13.86
C LYS A 306 -0.81 -17.22 13.32
N PRO A 307 -1.63 -17.74 12.40
CA PRO A 307 -2.62 -16.92 11.70
C PRO A 307 -3.73 -16.35 12.61
N PHE A 308 -4.40 -15.31 12.12
CA PHE A 308 -5.64 -14.78 12.70
C PHE A 308 -6.57 -15.94 13.02
N GLY A 309 -7.09 -16.00 14.24
CA GLY A 309 -8.11 -16.98 14.65
C GLY A 309 -7.56 -18.02 15.60
N THR A 310 -6.24 -18.26 15.57
CA THR A 310 -5.53 -19.21 16.45
C THR A 310 -5.77 -18.83 17.91
N SER A 311 -6.24 -19.75 18.77
CA SER A 311 -6.39 -19.54 20.22
C SER A 311 -5.02 -19.72 20.92
N GLY A 312 -4.90 -19.24 22.17
CA GLY A 312 -3.71 -19.32 23.02
C GLY A 312 -2.82 -18.09 22.92
N GLU A 313 -1.60 -18.16 23.47
CA GLU A 313 -0.61 -17.06 23.47
C GLU A 313 -0.12 -16.85 22.04
N GLN A 314 -0.48 -15.74 21.39
CA GLN A 314 0.17 -15.31 20.13
C GLN A 314 1.53 -14.66 20.48
N GLU A 315 2.57 -14.97 19.71
CA GLU A 315 3.94 -14.39 19.81
C GLU A 315 4.29 -13.61 18.54
N MET A 316 5.22 -12.69 18.66
CA MET A 316 5.62 -11.74 17.59
C MET A 316 6.53 -12.45 16.56
N ASP A 317 6.33 -12.18 15.27
CA ASP A 317 7.12 -12.79 14.17
C ASP A 317 7.91 -11.69 13.49
N TYR A 318 9.21 -11.60 13.77
CA TYR A 318 10.10 -10.51 13.29
C TYR A 318 10.08 -10.51 11.77
N GLU A 319 10.24 -11.69 11.18
CA GLU A 319 10.36 -11.82 9.71
C GLU A 319 9.10 -11.20 9.10
N LYS A 320 7.93 -11.39 9.71
CA LYS A 320 6.67 -10.83 9.16
C LYS A 320 6.62 -9.31 9.38
N LEU A 321 7.08 -8.83 10.54
CA LEU A 321 7.12 -7.38 10.86
C LEU A 321 7.95 -6.65 9.78
N ILE A 322 9.20 -7.05 9.52
CA ILE A 322 10.10 -6.28 8.61
C ILE A 322 9.68 -6.38 7.14
N SER A 323 8.84 -7.35 6.78
CA SER A 323 8.38 -7.58 5.38
C SER A 323 6.92 -7.15 5.21
N GLU A 324 6.34 -6.51 6.22
CA GLU A 324 5.01 -5.85 6.16
C GLU A 324 3.94 -6.90 5.82
N LYS A 325 3.87 -7.97 6.60
CA LYS A 325 2.91 -9.11 6.38
C LYS A 325 2.24 -9.44 7.71
N PRO A 326 1.28 -8.61 8.15
CA PRO A 326 0.61 -8.83 9.43
C PRO A 326 -0.47 -9.91 9.35
N GLU A 327 -0.97 -10.30 10.52
CA GLU A 327 -2.09 -11.26 10.70
C GLU A 327 -3.30 -10.55 11.32
N TYR A 328 -3.06 -9.53 12.15
CA TYR A 328 -4.12 -8.72 12.80
C TYR A 328 -4.06 -7.27 12.29
N PHE A 329 -5.21 -6.78 11.83
CA PHE A 329 -5.52 -5.34 11.62
C PHE A 329 -6.58 -4.94 12.67
N LEU A 330 -6.24 -4.00 13.57
CA LEU A 330 -7.07 -3.67 14.75
C LEU A 330 -7.36 -2.17 14.87
N PHE A 331 -8.58 -1.83 15.30
CA PHE A 331 -8.94 -0.54 15.95
C PHE A 331 -8.83 -0.71 17.47
N ASN A 332 -8.15 0.25 18.12
CA ASN A 332 -8.06 0.35 19.60
C ASN A 332 -7.69 -1.02 20.19
N GLY A 333 -6.66 -1.68 19.66
CA GLY A 333 -5.90 -2.73 20.38
C GLY A 333 -6.39 -4.18 20.23
N SER A 334 -7.62 -4.47 19.82
CA SER A 334 -8.12 -5.86 19.95
C SER A 334 -9.22 -6.19 18.94
N VAL A 335 -9.36 -7.49 18.71
CA VAL A 335 -10.48 -8.05 17.92
C VAL A 335 -11.74 -7.87 18.77
N GLY A 336 -12.76 -7.25 18.19
CA GLY A 336 -14.04 -6.96 18.88
C GLY A 336 -13.95 -5.70 19.72
N ALA A 337 -12.81 -4.99 19.67
CA ALA A 337 -12.58 -3.78 20.49
C ALA A 337 -13.78 -2.86 20.37
N LEU A 338 -14.23 -2.59 19.14
CA LEU A 338 -15.25 -1.54 18.88
C LEU A 338 -16.57 -2.17 18.44
N THR A 339 -16.75 -3.47 18.63
CA THR A 339 -18.02 -4.17 18.28
C THR A 339 -18.66 -4.76 19.54
N ARG A 340 -17.89 -5.49 20.34
CA ARG A 340 -18.35 -6.22 21.55
C ARG A 340 -17.93 -5.45 22.80
N THR A 341 -16.64 -5.13 22.98
CA THR A 341 -16.14 -4.68 24.30
C THR A 341 -16.48 -3.20 24.48
N HIS A 342 -16.14 -2.32 23.54
CA HIS A 342 -16.21 -0.86 23.76
C HIS A 342 -16.74 -0.17 22.51
N PRO A 343 -17.96 -0.47 22.03
CA PRO A 343 -18.47 0.16 20.81
C PRO A 343 -18.80 1.63 21.10
N LEU A 344 -19.14 2.37 20.03
CA LEU A 344 -19.51 3.81 19.99
C LEU A 344 -21.03 3.89 20.04
N TYR A 345 -21.57 4.80 20.87
CA TYR A 345 -23.02 5.10 20.94
C TYR A 345 -23.25 6.59 20.69
N ALA A 346 -24.27 6.92 19.90
CA ALA A 346 -24.69 8.31 19.67
C ALA A 346 -26.21 8.34 19.43
N ASN A 347 -26.79 9.55 19.34
CA ASN A 347 -28.26 9.79 19.24
C ASN A 347 -28.56 10.43 17.87
N VAL A 348 -29.72 10.10 17.27
CA VAL A 348 -30.19 10.73 15.99
C VAL A 348 -30.16 12.24 16.20
N GLY A 349 -29.71 13.00 15.20
CA GLY A 349 -29.70 14.47 15.21
C GLY A 349 -28.39 15.07 15.72
N GLU A 350 -27.54 14.27 16.37
CA GLU A 350 -26.23 14.75 16.89
C GLU A 350 -25.22 14.89 15.74
N THR A 351 -24.44 15.96 15.73
CA THR A 351 -23.18 16.05 14.95
C THR A 351 -22.09 15.28 15.71
N VAL A 352 -21.32 14.45 15.02
CA VAL A 352 -20.28 13.56 15.62
C VAL A 352 -18.92 13.93 15.02
N ARG A 353 -17.88 13.98 15.85
CA ARG A 353 -16.48 14.14 15.37
C ARG A 353 -15.71 12.86 15.70
N ILE A 354 -14.99 12.30 14.72
CA ILE A 354 -14.00 11.21 14.97
C ILE A 354 -12.60 11.76 14.74
N PHE A 355 -11.77 11.75 15.79
CA PHE A 355 -10.30 11.89 15.69
C PHE A 355 -9.72 10.52 15.35
N PHE A 356 -9.24 10.33 14.12
CA PHE A 356 -8.78 9.02 13.63
C PHE A 356 -7.30 9.08 13.24
N GLY A 357 -6.53 8.17 13.83
CA GLY A 357 -5.07 8.09 13.61
C GLY A 357 -4.64 6.70 13.22
N VAL A 358 -3.53 6.60 12.49
CA VAL A 358 -2.89 5.30 12.19
C VAL A 358 -1.55 5.24 12.93
N GLY A 359 -1.46 4.42 13.98
CA GLY A 359 -0.15 4.05 14.56
C GLY A 359 0.65 3.25 13.55
N GLY A 360 -0.02 2.31 12.86
CA GLY A 360 0.60 1.41 11.88
C GLY A 360 1.15 0.16 12.56
N PRO A 361 2.48 -0.13 12.48
CA PRO A 361 3.48 0.78 11.91
C PRO A 361 3.59 1.01 10.39
N ASN A 362 2.93 0.22 9.53
CA ASN A 362 3.26 0.17 8.06
C ASN A 362 2.08 0.48 7.11
N PHE A 363 0.82 0.28 7.48
CA PHE A 363 -0.29 0.31 6.49
C PHE A 363 -1.09 1.61 6.55
N THR A 364 -1.29 2.20 5.38
CA THR A 364 -2.22 3.29 5.07
C THR A 364 -3.65 2.75 5.14
N SER A 365 -4.51 3.40 5.94
CA SER A 365 -5.95 3.08 6.12
C SER A 365 -6.79 3.83 5.10
N SER A 366 -7.81 3.18 4.54
CA SER A 366 -8.84 3.83 3.70
C SER A 366 -10.10 4.05 4.55
N PHE A 367 -10.10 5.02 5.45
CA PHE A 367 -11.14 5.10 6.51
C PHE A 367 -12.49 5.45 5.86
N HIS A 368 -13.53 4.70 6.19
CA HIS A 368 -14.93 4.83 5.72
C HIS A 368 -15.89 4.45 6.85
N VAL A 369 -17.03 5.15 6.93
CA VAL A 369 -18.12 4.74 7.83
C VAL A 369 -19.26 4.29 6.94
N ILE A 370 -19.59 3.01 6.99
CA ILE A 370 -20.68 2.43 6.16
C ILE A 370 -22.01 3.03 6.65
N GLY A 371 -22.79 3.57 5.71
CA GLY A 371 -24.10 4.18 5.99
C GLY A 371 -23.99 5.69 6.19
N GLU A 372 -22.77 6.24 6.24
CA GLU A 372 -22.53 7.69 6.42
C GLU A 372 -21.61 8.25 5.33
N ILE A 373 -21.59 9.60 5.27
CA ILE A 373 -20.75 10.42 4.35
C ILE A 373 -20.14 11.53 5.21
N PHE A 374 -18.86 11.81 5.04
CA PHE A 374 -18.19 12.81 5.92
C PHE A 374 -18.58 14.20 5.43
N ASP A 375 -19.25 14.99 6.28
CA ASP A 375 -19.54 16.42 6.00
C ASP A 375 -18.22 17.14 5.81
N HIS A 376 -17.24 16.88 6.68
CA HIS A 376 -15.92 17.56 6.64
C HIS A 376 -14.77 16.56 6.84
N VAL A 377 -13.70 16.68 6.07
CA VAL A 377 -12.46 15.87 6.24
C VAL A 377 -11.26 16.82 6.37
N TYR A 378 -10.55 16.77 7.51
CA TYR A 378 -9.43 17.67 7.79
C TYR A 378 -8.22 17.06 7.10
N ALA A 379 -7.96 17.48 5.86
CA ALA A 379 -6.96 16.87 4.94
C ALA A 379 -5.54 16.93 5.53
N LEU A 380 -4.88 15.76 5.63
CA LEU A 380 -3.53 15.50 6.18
C LEU A 380 -3.48 15.93 7.66
N GLY A 381 -4.66 16.12 8.26
CA GLY A 381 -4.80 16.48 9.68
C GLY A 381 -4.49 17.93 9.93
N SER A 382 -4.41 18.75 8.88
CA SER A 382 -4.37 20.23 9.01
C SER A 382 -5.65 20.72 9.67
N VAL A 383 -5.46 21.53 10.70
CA VAL A 383 -6.57 22.12 11.50
C VAL A 383 -6.63 23.62 11.15
N THR A 384 -5.72 24.12 10.31
CA THR A 384 -5.59 25.55 9.92
C THR A 384 -6.07 25.76 8.47
N SER A 385 -5.93 24.77 7.57
CA SER A 385 -6.48 24.83 6.20
C SER A 385 -7.95 24.43 6.23
N PRO A 386 -8.80 24.99 5.35
CA PRO A 386 -10.21 24.65 5.31
C PRO A 386 -10.43 23.16 5.07
N PRO A 387 -11.33 22.54 5.84
CA PRO A 387 -11.68 21.13 5.60
C PRO A 387 -12.41 20.88 4.26
N LEU A 388 -12.19 19.70 3.67
CA LEU A 388 -12.85 19.27 2.40
C LEU A 388 -14.25 18.79 2.75
N THR A 389 -15.16 18.79 1.77
CA THR A 389 -16.62 18.65 2.01
C THR A 389 -17.22 17.50 1.19
N GLY A 390 -18.08 16.70 1.82
CA GLY A 390 -18.83 15.62 1.15
C GLY A 390 -17.90 14.56 0.57
N VAL A 391 -17.24 13.83 1.47
CA VAL A 391 -16.18 12.82 1.17
C VAL A 391 -16.58 11.47 1.78
N GLN A 392 -16.51 10.39 0.99
CA GLN A 392 -16.93 9.00 1.35
C GLN A 392 -15.81 8.32 2.15
N THR A 393 -14.56 8.54 1.76
CA THR A 393 -13.43 7.68 2.17
C THR A 393 -12.14 8.49 2.09
N VAL A 394 -11.28 8.41 3.13
CA VAL A 394 -10.01 9.19 3.21
C VAL A 394 -8.82 8.28 3.57
N SER A 395 -7.76 8.35 2.75
CA SER A 395 -6.40 7.81 3.00
C SER A 395 -5.73 8.50 4.19
N VAL A 396 -5.36 7.71 5.20
CA VAL A 396 -4.59 8.16 6.39
C VAL A 396 -3.33 7.31 6.46
N PRO A 397 -2.12 7.88 6.34
CA PRO A 397 -0.90 7.07 6.37
C PRO A 397 -0.55 6.65 7.79
N PRO A 398 0.36 5.67 7.96
CA PRO A 398 0.94 5.44 9.28
C PRO A 398 1.67 6.72 9.72
N GLY A 399 1.59 7.07 11.00
CA GLY A 399 2.19 8.30 11.55
C GLY A 399 1.46 9.54 11.05
N GLY A 400 0.25 9.34 10.51
CA GLY A 400 -0.70 10.39 10.12
C GLY A 400 -2.00 10.30 10.92
N ALA A 401 -2.80 11.36 10.91
CA ALA A 401 -4.10 11.42 11.59
C ALA A 401 -4.97 12.38 10.81
N THR A 402 -6.27 12.32 11.03
CA THR A 402 -7.25 13.24 10.42
C THR A 402 -8.44 13.43 11.38
N ILE A 403 -9.34 14.34 11.05
CA ILE A 403 -10.62 14.59 11.77
C ILE A 403 -11.71 14.43 10.71
N VAL A 404 -12.72 13.60 10.97
CA VAL A 404 -13.97 13.63 10.16
C VAL A 404 -15.11 14.03 11.10
N ASP A 405 -16.11 14.69 10.54
CA ASP A 405 -17.38 14.97 11.24
C ASP A 405 -18.52 14.70 10.26
N PHE A 406 -19.68 14.34 10.79
CA PHE A 406 -20.95 14.14 10.03
C PHE A 406 -22.13 14.37 10.97
N LYS A 407 -23.28 14.72 10.41
CA LYS A 407 -24.58 14.77 11.14
C LYS A 407 -25.24 13.40 11.01
N LEU A 408 -25.69 12.82 12.12
CA LEU A 408 -26.54 11.59 12.19
C LEU A 408 -27.99 11.94 11.91
N ASP A 409 -28.42 11.86 10.65
CA ASP A 409 -29.80 12.24 10.25
C ASP A 409 -30.78 11.20 10.80
N ARG A 410 -30.33 9.96 10.99
CA ARG A 410 -31.23 8.83 11.34
C ARG A 410 -30.47 7.66 11.97
N GLY A 411 -31.23 6.68 12.46
CA GLY A 411 -30.75 5.53 13.23
C GLY A 411 -30.15 4.45 12.36
N GLY A 412 -29.48 3.48 13.01
CA GLY A 412 -28.78 2.36 12.37
C GLY A 412 -27.53 1.96 13.13
N ARG A 413 -26.99 0.79 12.79
CA ARG A 413 -25.59 0.47 13.15
C ARG A 413 -24.72 0.96 12.00
N TYR A 414 -23.89 1.97 12.27
CA TYR A 414 -22.91 2.51 11.30
C TYR A 414 -21.58 1.80 11.57
N VAL A 415 -20.85 1.44 10.51
CA VAL A 415 -19.69 0.50 10.61
C VAL A 415 -18.44 1.25 10.17
N LEU A 416 -17.46 1.27 11.07
CA LEU A 416 -16.09 1.80 10.85
C LEU A 416 -15.25 0.72 10.18
N VAL A 417 -14.66 1.03 9.01
CA VAL A 417 -13.87 0.04 8.24
C VAL A 417 -12.67 0.75 7.61
N ASP A 418 -11.63 -0.02 7.32
CA ASP A 418 -10.59 0.25 6.31
C ASP A 418 -11.11 -0.39 5.03
N HIS A 419 -11.37 0.41 4.00
CA HIS A 419 -12.06 -0.05 2.77
C HIS A 419 -11.11 -0.90 1.93
N ALA A 420 -9.91 -1.22 2.44
CA ALA A 420 -9.11 -2.39 2.00
C ALA A 420 -9.74 -3.62 2.64
N LEU A 421 -10.88 -4.08 2.10
CA LEU A 421 -11.91 -4.80 2.87
C LEU A 421 -11.48 -6.23 3.23
N SER A 422 -10.40 -6.77 2.66
CA SER A 422 -9.80 -8.06 3.11
C SER A 422 -9.44 -7.92 4.59
N ARG A 423 -9.33 -6.70 5.12
CA ARG A 423 -8.92 -6.47 6.53
C ARG A 423 -10.10 -6.73 7.47
N LEU A 424 -11.31 -6.88 6.94
CA LEU A 424 -12.46 -7.38 7.72
C LEU A 424 -12.11 -8.76 8.29
N ASP A 425 -11.42 -9.57 7.51
CA ASP A 425 -11.11 -10.97 7.85
C ASP A 425 -9.89 -11.07 8.77
N HIS A 426 -9.26 -9.96 9.18
CA HIS A 426 -8.12 -9.91 10.15
C HIS A 426 -8.45 -9.08 11.41
N GLY A 427 -9.72 -8.72 11.62
CA GLY A 427 -10.22 -8.09 12.87
C GLY A 427 -10.60 -6.62 12.75
N LEU A 428 -10.56 -6.01 11.57
CA LEU A 428 -10.68 -4.54 11.43
C LEU A 428 -12.13 -4.16 11.10
N VAL A 429 -12.91 -3.89 12.15
CA VAL A 429 -14.34 -3.49 12.08
C VAL A 429 -14.74 -2.85 13.42
N GLY A 430 -15.56 -1.81 13.38
CA GLY A 430 -16.11 -1.12 14.57
C GLY A 430 -17.56 -0.76 14.36
N PHE A 431 -18.30 -0.56 15.44
CA PHE A 431 -19.76 -0.24 15.41
C PHE A 431 -20.04 1.09 16.06
N LEU A 432 -20.81 1.92 15.36
CA LEU A 432 -21.46 3.15 15.88
C LEU A 432 -22.96 2.86 15.96
N ASN A 433 -23.47 2.67 17.18
CA ASN A 433 -24.86 2.24 17.44
C ASN A 433 -25.70 3.49 17.69
N VAL A 434 -26.77 3.66 16.89
CA VAL A 434 -27.69 4.83 16.91
C VAL A 434 -29.15 4.31 16.89
N ASP A 435 -29.87 4.48 18.02
CA ASP A 435 -31.31 4.12 18.24
C ASP A 435 -32.25 4.97 17.37
N GLY A 436 -33.12 4.32 16.60
CA GLY A 436 -34.11 4.98 15.73
C GLY A 436 -34.97 3.95 14.99
N PRO A 437 -36.04 4.36 14.28
CA PRO A 437 -36.80 3.43 13.44
C PRO A 437 -35.97 2.80 12.31
N LYS A 438 -36.38 1.63 11.80
CA LYS A 438 -35.84 1.00 10.56
C LYS A 438 -36.18 1.93 9.38
N ASN A 439 -37.48 2.22 9.17
CA ASN A 439 -38.02 2.96 7.99
C ASN A 439 -38.40 4.40 8.36
N ASP A 440 -37.82 5.38 7.67
CA ASP A 440 -38.17 6.82 7.75
C ASP A 440 -38.14 7.43 6.34
N ALA A 441 -38.07 8.76 6.20
CA ALA A 441 -38.13 9.47 4.88
C ALA A 441 -36.77 9.40 4.19
N ILE A 442 -35.70 9.18 4.95
CA ILE A 442 -34.27 9.22 4.48
C ILE A 442 -33.88 7.88 3.82
N MET A 443 -34.27 6.74 4.44
CA MET A 443 -34.09 5.37 3.87
C MET A 443 -35.22 4.47 4.36
N HIS A 444 -36.00 3.85 3.46
CA HIS A 444 -37.09 2.91 3.83
C HIS A 444 -37.17 1.75 2.82
N GLU A 445 -37.75 0.62 3.27
CA GLU A 445 -38.08 -0.54 2.40
C GLU A 445 -39.32 -0.16 1.59
N GLY A 446 -39.48 -0.75 0.40
CA GLY A 446 -40.61 -0.49 -0.51
C GLY A 446 -40.50 0.86 -1.20
N PRO A 447 -41.43 1.18 -2.14
CA PRO A 447 -41.43 2.47 -2.87
C PRO A 447 -42.10 3.65 -2.16
N PRO A 448 -41.97 4.91 -2.64
CA PRO A 448 -42.74 6.03 -2.07
C PRO A 448 -44.26 5.87 -2.25
N SER B 26 5.39 0.45 -28.49
CA SER B 26 4.06 0.03 -27.95
C SER B 26 4.13 -0.10 -26.44
N HIS B 27 3.09 0.33 -25.72
CA HIS B 27 2.96 0.24 -24.24
C HIS B 27 2.29 -1.09 -23.86
N ALA B 28 1.92 -1.90 -24.86
CA ALA B 28 1.48 -3.31 -24.75
C ALA B 28 2.52 -4.21 -25.43
N PRO B 29 3.77 -4.30 -24.89
CA PRO B 29 4.79 -5.18 -25.46
C PRO B 29 4.29 -6.63 -25.40
N VAL B 30 4.74 -7.48 -26.33
CA VAL B 30 4.58 -8.96 -26.23
C VAL B 30 5.67 -9.48 -25.31
N VAL B 31 5.29 -10.13 -24.22
CA VAL B 31 6.24 -10.48 -23.12
C VAL B 31 6.45 -12.00 -23.13
N PHE B 32 7.71 -12.44 -23.01
CA PHE B 32 8.15 -13.86 -22.88
C PHE B 32 9.07 -13.98 -21.66
N THR B 33 8.83 -14.97 -20.81
CA THR B 33 9.68 -15.25 -19.62
C THR B 33 10.40 -16.58 -19.87
N LEU B 34 11.73 -16.61 -19.67
CA LEU B 34 12.58 -17.82 -19.82
C LEU B 34 13.34 -18.09 -18.53
N ARG B 35 13.25 -19.33 -18.04
CA ARG B 35 14.07 -19.82 -16.91
C ARG B 35 15.14 -20.75 -17.47
N THR B 36 16.42 -20.53 -17.13
CA THR B 36 17.51 -21.46 -17.52
C THR B 36 17.36 -22.74 -16.70
N GLY B 37 17.74 -23.87 -17.30
CA GLY B 37 17.78 -25.17 -16.60
C GLY B 37 18.43 -26.30 -17.37
N ILE B 38 18.18 -27.50 -16.86
CA ILE B 38 18.54 -28.80 -17.45
C ILE B 38 17.23 -29.49 -17.83
N ALA B 39 17.07 -29.86 -19.08
CA ALA B 39 15.84 -30.52 -19.57
C ALA B 39 16.17 -31.21 -20.88
N GLU B 40 15.50 -32.34 -21.15
CA GLU B 40 15.75 -33.20 -22.34
C GLU B 40 17.24 -33.49 -22.46
N GLY B 41 17.94 -33.75 -21.34
CA GLY B 41 19.37 -34.14 -21.30
C GLY B 41 20.30 -33.05 -21.78
N ARG B 42 19.85 -31.79 -21.76
CA ARG B 42 20.62 -30.62 -22.26
C ARG B 42 20.51 -29.46 -21.26
N MET B 43 21.42 -28.48 -21.40
CA MET B 43 21.37 -27.17 -20.71
C MET B 43 20.62 -26.19 -21.62
N VAL B 44 19.46 -25.69 -21.15
CA VAL B 44 18.42 -25.08 -22.03
C VAL B 44 17.78 -23.84 -21.38
N TYR B 45 16.99 -23.13 -22.18
CA TYR B 45 15.98 -22.16 -21.73
C TYR B 45 14.67 -22.94 -21.62
N ILE B 46 13.90 -22.64 -20.59
CA ILE B 46 12.54 -23.22 -20.34
C ILE B 46 11.50 -22.10 -20.27
N GLY B 47 10.44 -22.20 -21.07
CA GLY B 47 9.30 -21.28 -21.04
C GLY B 47 8.63 -21.22 -19.67
N VAL B 48 8.22 -20.01 -19.26
CA VAL B 48 7.49 -19.74 -18.00
C VAL B 48 6.24 -18.91 -18.33
N GLY B 49 5.06 -19.54 -18.21
CA GLY B 49 3.74 -18.91 -18.44
C GLY B 49 3.40 -18.72 -19.90
N GLY B 50 2.15 -18.36 -20.20
CA GLY B 50 1.69 -18.04 -21.56
C GLY B 50 1.55 -19.28 -22.40
N ASP B 51 1.87 -19.18 -23.70
CA ASP B 51 1.78 -20.29 -24.69
C ASP B 51 3.03 -21.18 -24.62
N ILE B 52 4.10 -20.70 -23.97
CA ILE B 52 5.42 -21.37 -23.97
C ILE B 52 5.67 -22.10 -22.64
N ASP B 53 4.67 -22.19 -21.74
CA ASP B 53 4.88 -22.72 -20.37
C ASP B 53 5.49 -24.12 -20.47
N ARG B 54 6.65 -24.30 -19.85
CA ARG B 54 7.36 -25.60 -19.67
C ARG B 54 7.87 -26.17 -21.01
N GLN B 55 7.76 -25.46 -22.12
CA GLN B 55 8.43 -25.86 -23.40
C GLN B 55 9.93 -25.56 -23.30
N VAL B 56 10.78 -26.46 -23.80
CA VAL B 56 12.26 -26.23 -23.78
C VAL B 56 12.65 -25.56 -25.10
N ASN B 57 13.54 -24.57 -25.02
CA ASN B 57 13.96 -23.76 -26.19
C ASN B 57 12.73 -23.41 -27.03
N PRO B 58 11.73 -22.72 -26.45
CA PRO B 58 10.52 -22.39 -27.19
C PRO B 58 10.74 -21.38 -28.31
N LYS B 59 9.95 -21.54 -29.36
CA LYS B 59 9.85 -20.57 -30.47
C LYS B 59 8.95 -19.45 -29.97
N LEU B 60 9.50 -18.24 -29.92
CA LEU B 60 8.80 -16.97 -29.59
C LEU B 60 8.25 -16.38 -30.90
N VAL B 61 6.93 -16.47 -31.08
CA VAL B 61 6.20 -15.97 -32.28
C VAL B 61 5.75 -14.54 -32.03
N VAL B 62 6.08 -13.65 -32.97
CA VAL B 62 5.91 -12.18 -32.85
C VAL B 62 5.52 -11.65 -34.23
N HIS B 63 4.70 -10.61 -34.30
CA HIS B 63 4.28 -9.95 -35.57
C HIS B 63 5.12 -8.70 -35.82
N GLU B 64 5.41 -8.41 -37.09
CA GLU B 64 6.20 -7.24 -37.59
C GLU B 64 5.74 -5.97 -36.86
N GLY B 65 6.70 -5.19 -36.33
CA GLY B 65 6.40 -3.88 -35.70
C GLY B 65 6.12 -3.96 -34.20
N GLU B 66 5.75 -5.13 -33.67
CA GLU B 66 5.47 -5.33 -32.22
C GLU B 66 6.73 -5.09 -31.36
N THR B 67 6.54 -4.47 -30.19
CA THR B 67 7.60 -4.35 -29.15
C THR B 67 7.65 -5.68 -28.37
N VAL B 68 8.85 -6.28 -28.29
CA VAL B 68 9.10 -7.60 -27.65
C VAL B 68 9.89 -7.38 -26.36
N GLN B 69 9.38 -7.92 -25.24
CA GLN B 69 10.10 -7.94 -23.93
C GLN B 69 10.42 -9.39 -23.59
N ILE B 70 11.69 -9.64 -23.31
CA ILE B 70 12.22 -10.96 -22.87
C ILE B 70 12.78 -10.82 -21.44
N ASN B 71 12.17 -11.59 -20.53
CA ASN B 71 12.55 -11.73 -19.10
C ASN B 71 13.40 -12.99 -18.96
N LEU B 72 14.68 -12.84 -18.66
CA LEU B 72 15.54 -14.00 -18.36
C LEU B 72 15.68 -14.18 -16.85
N ILE B 73 15.39 -15.39 -16.37
CA ILE B 73 15.59 -15.77 -14.93
C ILE B 73 16.52 -16.97 -14.89
N ASN B 74 17.63 -16.84 -14.15
CA ASN B 74 18.60 -17.92 -13.81
C ASN B 74 17.87 -18.98 -12.98
N GLY B 75 17.83 -20.22 -13.46
CA GLY B 75 17.11 -21.35 -12.83
C GLY B 75 18.01 -22.22 -11.94
N GLU B 76 19.20 -22.61 -12.41
CA GLU B 76 20.01 -23.70 -11.79
C GLU B 76 21.35 -23.19 -11.26
N GLY B 77 21.80 -21.98 -11.67
CA GLY B 77 22.85 -21.19 -10.97
C GLY B 77 24.19 -21.11 -11.71
N ALA B 78 24.21 -21.40 -13.01
CA ALA B 78 25.42 -21.15 -13.83
C ALA B 78 25.23 -19.76 -14.42
N GLN B 79 26.29 -19.12 -14.94
CA GLN B 79 26.19 -17.79 -15.61
C GLN B 79 25.48 -17.94 -16.96
N HIS B 80 24.57 -17.01 -17.26
CA HIS B 80 23.75 -17.02 -18.51
C HIS B 80 23.42 -15.61 -19.00
N ASP B 81 23.20 -15.50 -20.30
CA ASP B 81 22.49 -14.34 -20.92
C ASP B 81 21.59 -14.86 -22.01
N ALA B 82 20.91 -13.95 -22.71
CA ALA B 82 20.23 -14.21 -24.00
C ALA B 82 20.64 -13.12 -24.98
N VAL B 83 20.97 -13.53 -26.21
CA VAL B 83 21.50 -12.65 -27.29
C VAL B 83 20.73 -12.98 -28.56
N ILE B 84 20.32 -11.91 -29.24
CA ILE B 84 19.76 -11.94 -30.63
C ILE B 84 20.60 -10.97 -31.46
N ASP B 85 21.39 -11.50 -32.41
CA ASP B 85 22.46 -10.76 -33.15
C ASP B 85 21.85 -9.74 -34.12
N GLN B 86 20.87 -10.13 -34.94
CA GLN B 86 20.35 -9.27 -36.03
C GLN B 86 19.63 -8.05 -35.43
N TYR B 87 19.34 -8.05 -34.13
CA TYR B 87 18.63 -6.95 -33.42
C TYR B 87 19.58 -6.25 -32.43
N ALA B 88 20.86 -6.59 -32.42
CA ALA B 88 21.83 -6.02 -31.46
C ALA B 88 21.17 -5.89 -30.07
N ALA B 89 20.44 -6.94 -29.66
CA ALA B 89 19.69 -7.05 -28.40
C ALA B 89 20.26 -8.16 -27.54
N ARG B 90 20.42 -7.91 -26.24
CA ARG B 90 20.95 -8.91 -25.28
C ARG B 90 20.52 -8.56 -23.83
N SER B 91 20.20 -9.59 -23.06
CA SER B 91 20.10 -9.51 -21.58
C SER B 91 21.49 -9.15 -21.07
N ALA B 92 21.56 -8.77 -19.80
CA ALA B 92 22.80 -8.74 -19.01
C ALA B 92 23.13 -10.20 -18.62
N ILE B 93 24.33 -10.44 -18.12
CA ILE B 93 24.73 -11.77 -17.62
C ILE B 93 24.16 -11.92 -16.21
N VAL B 94 23.58 -13.07 -15.95
CA VAL B 94 22.87 -13.37 -14.68
C VAL B 94 23.57 -14.60 -14.04
N SER B 95 23.90 -14.53 -12.75
CA SER B 95 24.90 -15.43 -12.10
C SER B 95 24.25 -16.41 -11.10
N GLY B 96 23.57 -15.94 -10.05
CA GLY B 96 23.00 -16.85 -9.03
C GLY B 96 21.59 -17.28 -9.38
N LYS B 97 21.07 -18.34 -8.75
CA LYS B 97 19.63 -18.72 -8.86
C LYS B 97 18.73 -17.50 -8.56
N ASN B 98 17.74 -17.29 -9.43
CA ASN B 98 16.66 -16.26 -9.34
C ASN B 98 17.15 -14.93 -9.92
N ALA B 99 18.46 -14.77 -10.12
CA ALA B 99 18.98 -13.51 -10.71
C ALA B 99 18.32 -13.36 -12.08
N SER B 100 18.09 -12.12 -12.50
CA SER B 100 17.18 -11.75 -13.61
C SER B 100 17.72 -10.55 -14.37
N SER B 101 17.43 -10.53 -15.67
CA SER B 101 17.62 -9.39 -16.56
C SER B 101 16.49 -9.40 -17.58
N THR B 102 15.89 -8.26 -17.84
CA THR B 102 14.93 -8.14 -18.97
C THR B 102 15.54 -7.19 -19.97
N PHE B 103 15.16 -7.36 -21.24
CA PHE B 103 15.58 -6.53 -22.39
C PHE B 103 14.41 -6.48 -23.39
N SER B 104 14.42 -5.48 -24.29
CA SER B 104 13.32 -5.26 -25.26
C SER B 104 13.88 -4.68 -26.55
N PHE B 105 13.07 -4.75 -27.59
CA PHE B 105 13.38 -4.24 -28.95
C PHE B 105 12.09 -4.27 -29.76
N ILE B 106 12.12 -3.56 -30.89
CA ILE B 106 11.01 -3.54 -31.87
C ILE B 106 11.32 -4.61 -32.94
N ALA B 107 10.41 -5.58 -33.11
CA ALA B 107 10.50 -6.64 -34.13
C ALA B 107 10.26 -6.03 -35.53
N SER B 108 11.19 -5.18 -35.96
CA SER B 108 11.12 -4.43 -37.25
C SER B 108 11.48 -5.33 -38.43
N LYS B 109 12.09 -6.50 -38.19
CA LYS B 109 12.70 -7.41 -39.22
C LYS B 109 11.97 -8.76 -39.24
N VAL B 110 11.39 -9.12 -40.39
CA VAL B 110 10.69 -10.42 -40.64
C VAL B 110 11.73 -11.55 -40.76
N GLY B 111 11.37 -12.75 -40.32
CA GLY B 111 12.14 -13.99 -40.50
C GLY B 111 12.36 -14.75 -39.20
N GLN B 112 13.43 -15.55 -39.16
CA GLN B 112 13.80 -16.42 -38.01
C GLN B 112 15.19 -15.99 -37.52
N PHE B 113 15.31 -15.79 -36.21
CA PHE B 113 16.57 -15.33 -35.56
C PHE B 113 16.81 -16.16 -34.31
N ASP B 114 18.07 -16.50 -34.05
CA ASP B 114 18.48 -17.35 -32.91
C ASP B 114 18.60 -16.44 -31.69
N TYR B 115 17.94 -16.80 -30.60
CA TYR B 115 18.28 -16.34 -29.22
C TYR B 115 19.16 -17.43 -28.63
N TYR B 116 20.23 -17.04 -27.93
CA TYR B 116 21.28 -17.99 -27.45
C TYR B 116 22.10 -17.40 -26.30
N CYS B 117 22.79 -18.28 -25.57
CA CYS B 117 23.65 -17.87 -24.43
C CYS B 117 25.09 -17.71 -24.93
N SER B 118 25.77 -16.67 -24.48
CA SER B 118 27.09 -16.26 -25.02
C SER B 118 28.21 -16.80 -24.13
N LEU B 119 27.88 -17.36 -22.97
CA LEU B 119 28.90 -17.88 -22.02
C LEU B 119 29.58 -19.09 -22.64
N PRO B 120 30.94 -19.18 -22.46
CA PRO B 120 31.72 -20.27 -23.05
C PRO B 120 31.04 -21.64 -22.95
N GLY B 121 30.71 -22.22 -24.10
CA GLY B 121 30.19 -23.59 -24.22
C GLY B 121 28.67 -23.68 -24.26
N HIS B 122 27.95 -22.71 -23.67
CA HIS B 122 26.51 -22.85 -23.31
C HIS B 122 25.64 -23.04 -24.57
N ARG B 123 26.01 -22.42 -25.69
CA ARG B 123 25.24 -22.54 -26.95
C ARG B 123 25.38 -23.98 -27.48
N GLN B 124 26.62 -24.46 -27.60
CA GLN B 124 26.97 -25.87 -27.92
C GLN B 124 26.26 -26.85 -26.92
N ALA B 125 26.12 -26.48 -25.65
CA ALA B 125 25.54 -27.33 -24.59
C ALA B 125 24.01 -27.36 -24.72
N GLY B 126 23.41 -26.45 -25.50
CA GLY B 126 21.98 -26.51 -25.91
C GLY B 126 21.17 -25.25 -25.64
N MET B 127 21.81 -24.14 -25.24
CA MET B 127 21.13 -22.85 -24.93
C MET B 127 20.92 -22.06 -26.24
N GLN B 128 19.86 -22.40 -26.97
CA GLN B 128 19.52 -21.79 -28.27
C GLN B 128 18.03 -22.04 -28.61
N GLY B 129 17.32 -20.99 -29.00
CA GLY B 129 15.98 -21.13 -29.61
C GLY B 129 15.79 -20.12 -30.72
N VAL B 130 14.59 -20.10 -31.31
CA VAL B 130 14.33 -19.18 -32.45
C VAL B 130 13.21 -18.18 -32.06
N LEU B 131 13.46 -16.91 -32.33
CA LEU B 131 12.46 -15.81 -32.44
C LEU B 131 11.93 -15.83 -33.87
N GLN B 132 10.63 -16.05 -34.05
CA GLN B 132 10.06 -15.95 -35.41
C GLN B 132 9.24 -14.67 -35.47
N VAL B 133 9.58 -13.80 -36.43
CA VAL B 133 8.85 -12.55 -36.75
C VAL B 133 8.09 -12.75 -38.05
N VAL B 134 6.76 -12.71 -37.93
CA VAL B 134 5.76 -13.04 -38.97
C VAL B 134 5.26 -11.71 -39.55
N PRO B 135 5.13 -11.55 -40.88
CA PRO B 135 4.62 -10.30 -41.43
C PRO B 135 3.13 -10.12 -41.13
N GLY B 136 2.70 -8.85 -41.03
CA GLY B 136 1.30 -8.49 -40.77
C GLY B 136 1.03 -8.24 -39.30
N ASN B 137 -0.25 -8.06 -38.96
CA ASN B 137 -0.71 -7.68 -37.59
C ASN B 137 -1.32 -8.91 -36.91
N ARG B 138 -1.11 -9.02 -35.60
CA ARG B 138 -1.63 -10.14 -34.76
C ARG B 138 -3.17 -10.18 -34.89
N ALA B 139 -3.74 -11.27 -35.42
CA ALA B 139 -5.20 -11.52 -35.45
C ALA B 139 -5.70 -11.66 -34.01
N GLU B 140 -6.95 -11.23 -33.75
CA GLU B 140 -7.63 -11.31 -32.43
C GLU B 140 -8.09 -12.76 -32.21
N MET B 141 -7.96 -13.28 -31.00
CA MET B 141 -8.38 -14.67 -30.66
C MET B 141 -9.91 -14.68 -30.61
N PRO B 142 -10.61 -15.59 -31.30
CA PRO B 142 -12.06 -15.71 -31.10
C PRO B 142 -12.33 -16.02 -29.63
N SER B 143 -13.36 -15.40 -29.03
CA SER B 143 -13.63 -15.43 -27.56
C SER B 143 -14.41 -16.71 -27.18
N THR B 144 -14.14 -17.27 -26.00
CA THR B 144 -14.88 -18.43 -25.41
C THR B 144 -16.12 -17.91 -24.66
N ALA B 145 -15.99 -16.78 -23.95
CA ALA B 145 -16.98 -16.31 -22.95
C ALA B 145 -17.48 -14.88 -23.26
N ALA B 146 -18.50 -14.46 -22.50
CA ALA B 146 -19.17 -13.13 -22.58
C ALA B 146 -18.13 -12.01 -22.46
N ASP B 147 -18.34 -10.93 -23.21
CA ASP B 147 -17.64 -9.65 -23.04
C ASP B 147 -18.19 -8.95 -21.79
N ILE B 148 -17.46 -8.94 -20.67
CA ILE B 148 -18.02 -8.32 -19.42
C ILE B 148 -17.48 -6.90 -19.23
N THR B 149 -16.71 -6.36 -20.18
CA THR B 149 -16.15 -4.99 -20.09
C THR B 149 -17.21 -3.93 -20.40
N ARG B 150 -17.48 -3.05 -19.42
CA ARG B 150 -18.21 -1.77 -19.61
C ARG B 150 -17.42 -0.83 -20.54
N ASP B 151 -18.03 -0.40 -21.66
CA ASP B 151 -17.43 0.69 -22.47
C ASP B 151 -17.29 1.95 -21.62
N PRO B 152 -16.10 2.60 -21.60
CA PRO B 152 -15.87 3.80 -20.79
C PRO B 152 -16.74 4.99 -21.18
N ALA B 153 -17.34 4.94 -22.38
CA ALA B 153 -18.28 5.94 -22.92
C ALA B 153 -19.72 5.52 -22.61
N ASP B 154 -19.96 4.33 -22.04
CA ASP B 154 -21.32 3.90 -21.66
C ASP B 154 -21.68 4.48 -20.27
N LEU B 155 -22.09 5.76 -20.23
CA LEU B 155 -22.71 6.45 -19.04
C LEU B 155 -23.72 7.50 -19.52
N PRO B 156 -24.78 7.81 -18.74
CA PRO B 156 -25.67 8.92 -19.09
C PRO B 156 -24.90 10.24 -18.96
N GLY B 157 -25.18 11.22 -19.82
CA GLY B 157 -24.52 12.54 -19.82
C GLY B 157 -25.08 13.47 -18.74
N PRO B 158 -24.58 14.73 -18.67
CA PRO B 158 -25.10 15.70 -17.70
C PRO B 158 -26.63 15.76 -17.70
N ILE B 159 -27.21 15.73 -16.51
CA ILE B 159 -28.65 16.07 -16.29
C ILE B 159 -28.80 17.54 -16.66
N GLY B 160 -29.96 17.97 -17.14
CA GLY B 160 -30.20 19.41 -17.27
C GLY B 160 -30.05 20.10 -15.93
N ALA B 161 -30.18 21.42 -15.87
CA ALA B 161 -30.74 22.06 -14.67
C ALA B 161 -32.20 21.60 -14.57
N ARG B 162 -32.68 21.26 -13.37
CA ARG B 162 -34.09 20.85 -13.15
C ARG B 162 -34.37 20.79 -11.65
N GLN B 163 -35.64 20.66 -11.25
CA GLN B 163 -36.01 20.54 -9.81
C GLN B 163 -35.54 19.16 -9.34
N ALA B 164 -35.26 19.00 -8.04
CA ALA B 164 -35.15 17.67 -7.40
C ALA B 164 -36.44 16.91 -7.71
N LYS B 165 -36.35 15.58 -7.84
CA LYS B 165 -37.52 14.70 -8.15
C LYS B 165 -37.22 13.28 -7.69
N THR B 166 -38.23 12.42 -7.76
CA THR B 166 -38.12 10.96 -7.56
C THR B 166 -37.64 10.31 -8.85
N VAL B 167 -36.57 9.51 -8.75
CA VAL B 167 -35.88 8.77 -9.85
C VAL B 167 -35.96 7.28 -9.51
N ARG B 168 -36.43 6.46 -10.45
CA ARG B 168 -36.39 4.98 -10.34
C ARG B 168 -35.09 4.49 -11.00
N ILE B 169 -34.39 3.59 -10.31
CA ILE B 169 -33.16 2.90 -10.82
C ILE B 169 -33.39 1.39 -10.67
N ASP B 170 -33.12 0.63 -11.73
CA ASP B 170 -33.24 -0.86 -11.73
C ASP B 170 -31.87 -1.45 -11.90
N LEU B 171 -31.45 -2.29 -10.93
CA LEU B 171 -30.23 -3.13 -11.00
C LEU B 171 -30.61 -4.61 -11.01
N GLU B 172 -29.86 -5.40 -11.79
CA GLU B 172 -29.94 -6.87 -11.80
C GLU B 172 -28.58 -7.48 -11.44
N THR B 173 -28.53 -8.35 -10.45
CA THR B 173 -27.29 -9.06 -10.05
C THR B 173 -27.17 -10.37 -10.86
N VAL B 174 -26.08 -10.51 -11.63
CA VAL B 174 -25.89 -11.58 -12.66
C VAL B 174 -24.53 -12.26 -12.47
N GLU B 175 -24.53 -13.58 -12.24
CA GLU B 175 -23.34 -14.46 -12.26
C GLU B 175 -23.20 -15.05 -13.67
N LEU B 176 -22.05 -14.85 -14.33
CA LEU B 176 -21.82 -15.32 -15.72
C LEU B 176 -20.32 -15.46 -15.99
N LYS B 177 -19.94 -16.43 -16.84
CA LYS B 177 -18.55 -16.63 -17.26
C LYS B 177 -18.21 -15.51 -18.24
N GLY B 178 -16.99 -14.97 -18.14
CA GLY B 178 -16.52 -13.82 -18.94
C GLY B 178 -15.06 -13.93 -19.36
N GLN B 179 -14.70 -13.15 -20.39
CA GLN B 179 -13.36 -13.16 -21.04
C GLN B 179 -12.42 -12.28 -20.20
N LEU B 180 -11.72 -12.89 -19.25
CA LEU B 180 -10.67 -12.28 -18.41
C LEU B 180 -9.51 -11.86 -19.31
N ASP B 181 -9.17 -12.67 -20.32
CA ASP B 181 -7.98 -12.43 -21.19
C ASP B 181 -8.18 -13.20 -22.51
N ASP B 182 -7.18 -13.16 -23.40
CA ASP B 182 -7.23 -13.73 -24.77
C ASP B 182 -7.78 -15.16 -24.73
N LYS B 183 -7.18 -16.07 -23.94
CA LYS B 183 -7.55 -17.52 -23.94
C LYS B 183 -8.06 -17.96 -22.57
N THR B 184 -8.48 -17.01 -21.73
CA THR B 184 -8.69 -17.25 -20.29
C THR B 184 -10.01 -16.61 -19.87
N THR B 185 -10.77 -17.39 -19.10
CA THR B 185 -12.12 -17.08 -18.55
C THR B 185 -12.08 -17.06 -17.01
N TYR B 186 -13.17 -16.59 -16.39
CA TYR B 186 -13.37 -16.40 -14.93
C TYR B 186 -14.90 -16.34 -14.71
N THR B 187 -15.39 -16.72 -13.54
CA THR B 187 -16.80 -16.47 -13.16
C THR B 187 -16.91 -15.07 -12.52
N TYR B 188 -17.46 -14.10 -13.26
CA TYR B 188 -17.76 -12.73 -12.78
C TYR B 188 -19.09 -12.76 -12.04
N TRP B 189 -19.20 -11.94 -10.98
CA TRP B 189 -20.47 -11.48 -10.37
C TRP B 189 -20.60 -9.98 -10.66
N THR B 190 -21.74 -9.56 -11.21
CA THR B 190 -21.91 -8.22 -11.85
C THR B 190 -23.24 -7.57 -11.45
N PHE B 191 -23.30 -6.25 -11.61
CA PHE B 191 -24.53 -5.45 -11.82
C PHE B 191 -24.73 -5.37 -13.34
N ASN B 192 -25.81 -5.99 -13.83
CA ASN B 192 -26.31 -5.96 -15.23
C ASN B 192 -25.22 -6.43 -16.20
N GLY B 193 -24.53 -7.53 -15.84
CA GLY B 193 -23.69 -8.33 -16.76
C GLY B 193 -22.38 -7.65 -17.16
N LYS B 194 -22.02 -6.51 -16.54
CA LYS B 194 -20.79 -5.78 -16.94
C LYS B 194 -20.06 -5.25 -15.71
N VAL B 195 -18.77 -4.90 -15.91
CA VAL B 195 -17.84 -4.42 -14.85
C VAL B 195 -17.06 -3.20 -15.36
N PRO B 196 -17.15 -2.02 -14.71
CA PRO B 196 -18.02 -1.81 -13.55
C PRO B 196 -19.51 -1.83 -13.93
N GLY B 197 -20.36 -1.79 -12.92
CA GLY B 197 -21.82 -1.75 -13.08
C GLY B 197 -22.27 -0.43 -13.69
N PRO B 198 -23.59 -0.26 -13.93
CA PRO B 198 -24.10 0.94 -14.59
C PRO B 198 -23.70 2.22 -13.85
N PHE B 199 -23.38 3.29 -14.59
CA PHE B 199 -23.09 4.64 -14.03
C PHE B 199 -24.44 5.26 -13.70
N LEU B 200 -24.68 5.48 -12.42
CA LEU B 200 -25.93 6.09 -11.91
C LEU B 200 -25.68 7.58 -11.70
N ARG B 201 -26.62 8.40 -12.14
CA ARG B 201 -26.45 9.87 -12.23
C ARG B 201 -27.73 10.49 -11.67
N VAL B 202 -27.63 11.25 -10.59
CA VAL B 202 -28.79 12.00 -10.04
C VAL B 202 -28.34 13.39 -9.60
N ARG B 203 -29.31 14.21 -9.18
CA ARG B 203 -29.10 15.57 -8.63
C ARG B 203 -29.17 15.47 -7.11
N VAL B 204 -28.42 16.31 -6.38
CA VAL B 204 -28.72 16.48 -4.93
C VAL B 204 -30.23 16.66 -4.79
N GLY B 205 -30.80 16.15 -3.71
CA GLY B 205 -32.23 16.34 -3.37
C GLY B 205 -33.07 15.18 -3.86
N ASP B 206 -32.64 14.53 -4.95
CA ASP B 206 -33.41 13.45 -5.61
C ASP B 206 -33.70 12.38 -4.58
N THR B 207 -34.92 11.85 -4.63
CA THR B 207 -35.36 10.65 -3.90
C THR B 207 -35.14 9.48 -4.86
N VAL B 208 -34.32 8.50 -4.48
CA VAL B 208 -34.04 7.33 -5.37
C VAL B 208 -34.90 6.16 -4.92
N GLU B 209 -35.64 5.59 -5.87
CA GLU B 209 -36.43 4.33 -5.78
C GLU B 209 -35.59 3.25 -6.46
N LEU B 210 -34.89 2.45 -5.66
CA LEU B 210 -33.98 1.41 -6.20
C LEU B 210 -34.68 0.04 -6.16
N HIS B 211 -34.73 -0.59 -7.34
CA HIS B 211 -35.15 -2.00 -7.56
C HIS B 211 -33.88 -2.81 -7.84
N LEU B 212 -33.58 -3.78 -6.98
CA LEU B 212 -32.50 -4.79 -7.18
C LEU B 212 -33.14 -6.16 -7.36
N LYS B 213 -32.95 -6.77 -8.54
CA LYS B 213 -33.41 -8.13 -8.91
C LYS B 213 -32.18 -9.05 -8.96
N ASN B 214 -32.14 -10.09 -8.11
CA ASN B 214 -31.15 -11.19 -8.22
C ASN B 214 -31.64 -12.21 -9.25
N ALA B 215 -30.88 -12.42 -10.32
CA ALA B 215 -31.21 -13.40 -11.41
C ALA B 215 -31.50 -14.79 -10.81
N LYS B 216 -32.44 -15.53 -11.42
CA LYS B 216 -32.92 -16.89 -11.04
C LYS B 216 -31.75 -17.89 -10.96
N ASP B 217 -30.76 -17.76 -11.86
CA ASP B 217 -29.62 -18.71 -12.02
C ASP B 217 -28.43 -18.33 -11.13
N SER B 218 -28.54 -17.29 -10.30
CA SER B 218 -27.50 -16.95 -9.28
C SER B 218 -27.44 -18.06 -8.22
N LEU B 219 -26.24 -18.32 -7.71
CA LEU B 219 -26.02 -19.25 -6.57
C LEU B 219 -26.18 -18.45 -5.29
N MET B 220 -25.78 -17.18 -5.35
CA MET B 220 -25.48 -16.35 -4.16
C MET B 220 -26.56 -15.29 -3.94
N ILE B 221 -26.72 -14.92 -2.68
CA ILE B 221 -27.43 -13.68 -2.26
C ILE B 221 -26.58 -12.52 -2.79
N HIS B 222 -27.22 -11.49 -3.36
CA HIS B 222 -26.55 -10.22 -3.76
C HIS B 222 -27.31 -9.04 -3.14
N SER B 223 -26.66 -7.87 -3.12
CA SER B 223 -27.13 -6.63 -2.46
C SER B 223 -26.38 -5.43 -3.05
N VAL B 224 -26.60 -4.25 -2.47
CA VAL B 224 -25.85 -3.04 -2.87
C VAL B 224 -25.77 -2.05 -1.71
N ASP B 225 -24.61 -1.40 -1.60
CA ASP B 225 -24.28 -0.32 -0.65
C ASP B 225 -23.83 0.83 -1.54
N PHE B 226 -24.52 1.95 -1.45
CA PHE B 226 -24.17 3.20 -2.16
C PHE B 226 -23.44 4.09 -1.16
N HIS B 227 -22.23 4.54 -1.49
CA HIS B 227 -21.43 5.43 -0.61
C HIS B 227 -22.11 6.80 -0.56
N GLY B 228 -23.04 7.07 -1.50
CA GLY B 228 -23.84 8.31 -1.61
C GLY B 228 -25.19 8.25 -0.90
N ALA B 229 -25.45 7.21 -0.11
CA ALA B 229 -26.71 7.03 0.65
C ALA B 229 -26.45 7.07 2.16
N THR B 230 -27.46 7.48 2.92
CA THR B 230 -27.44 7.69 4.39
C THR B 230 -28.47 6.75 5.02
N GLY B 231 -28.03 5.90 5.95
CA GLY B 231 -28.85 4.81 6.53
C GLY B 231 -28.11 3.47 6.55
N PRO B 232 -28.62 2.45 7.27
CA PRO B 232 -27.95 1.16 7.46
C PRO B 232 -27.39 0.42 6.23
N GLY B 233 -26.10 0.06 6.29
CA GLY B 233 -25.37 -0.62 5.19
C GLY B 233 -25.38 0.18 3.90
N GLY B 234 -25.61 1.49 3.95
CA GLY B 234 -25.77 2.33 2.75
C GLY B 234 -26.78 1.76 1.77
N ALA B 235 -27.85 1.11 2.31
CA ALA B 235 -28.98 0.41 1.63
C ALA B 235 -28.82 -1.12 1.66
N ALA B 236 -27.67 -1.64 2.12
CA ALA B 236 -27.34 -3.09 2.16
C ALA B 236 -28.33 -3.87 3.02
N ALA B 237 -28.77 -3.30 4.14
CA ALA B 237 -29.71 -3.92 5.11
C ALA B 237 -31.09 -4.11 4.48
N TYR B 238 -31.40 -3.40 3.40
CA TYR B 238 -32.72 -3.38 2.73
C TYR B 238 -32.67 -4.15 1.40
N THR B 239 -31.49 -4.55 0.91
CA THR B 239 -31.31 -5.06 -0.48
C THR B 239 -30.67 -6.44 -0.47
N GLN B 240 -30.66 -7.15 0.66
CA GLN B 240 -30.17 -8.56 0.70
C GLN B 240 -31.23 -9.39 -0.06
N THR B 241 -30.92 -9.74 -1.30
CA THR B 241 -31.87 -10.32 -2.29
C THR B 241 -31.52 -11.80 -2.58
N ASP B 242 -32.45 -12.72 -2.33
CA ASP B 242 -32.30 -14.17 -2.64
C ASP B 242 -32.27 -14.31 -4.16
N PRO B 243 -31.60 -15.34 -4.74
CA PRO B 243 -31.68 -15.59 -6.18
C PRO B 243 -33.14 -15.75 -6.64
N GLY B 244 -33.46 -15.11 -7.76
CA GLY B 244 -34.81 -15.17 -8.35
C GLY B 244 -35.75 -14.15 -7.73
N ALA B 245 -35.33 -13.37 -6.72
CA ALA B 245 -36.19 -12.40 -6.01
C ALA B 245 -35.86 -10.96 -6.41
N GLU B 246 -36.69 -10.03 -5.93
CA GLU B 246 -36.52 -8.56 -6.02
C GLU B 246 -36.76 -7.93 -4.65
N THR B 247 -35.84 -7.06 -4.22
CA THR B 247 -36.06 -6.09 -3.12
C THR B 247 -36.20 -4.68 -3.70
N VAL B 248 -36.87 -3.80 -2.95
CA VAL B 248 -37.00 -2.36 -3.32
C VAL B 248 -36.64 -1.53 -2.10
N VAL B 249 -35.86 -0.47 -2.31
CA VAL B 249 -35.43 0.48 -1.24
C VAL B 249 -35.52 1.90 -1.81
N THR B 250 -35.88 2.85 -0.97
CA THR B 250 -35.98 4.29 -1.31
C THR B 250 -34.99 5.03 -0.41
N PHE B 251 -34.22 5.96 -0.96
CA PHE B 251 -33.25 6.76 -0.19
C PHE B 251 -33.06 8.13 -0.85
N LYS B 252 -32.76 9.14 -0.03
CA LYS B 252 -32.50 10.53 -0.48
C LYS B 252 -31.00 10.70 -0.70
N ALA B 253 -30.62 11.30 -1.83
CA ALA B 253 -29.25 11.75 -2.14
C ALA B 253 -29.00 13.12 -1.49
N LEU B 254 -28.52 13.10 -0.24
CA LEU B 254 -28.35 14.30 0.63
C LEU B 254 -27.07 15.07 0.28
N VAL B 255 -26.02 14.41 -0.19
CA VAL B 255 -24.70 15.06 -0.38
C VAL B 255 -24.23 14.87 -1.80
N PRO B 256 -23.75 15.94 -2.47
CA PRO B 256 -23.05 15.82 -3.76
C PRO B 256 -21.71 15.10 -3.64
N GLY B 257 -21.35 14.36 -4.69
CA GLY B 257 -20.10 13.59 -4.75
C GLY B 257 -20.08 12.61 -5.90
N ILE B 258 -18.89 12.10 -6.22
CA ILE B 258 -18.67 10.89 -7.05
C ILE B 258 -18.42 9.71 -6.10
N PHE B 259 -19.40 8.81 -5.97
CA PHE B 259 -19.46 7.75 -4.94
C PHE B 259 -19.23 6.36 -5.58
N VAL B 260 -18.55 5.45 -4.88
CA VAL B 260 -18.59 4.04 -5.36
C VAL B 260 -19.85 3.42 -4.74
N TYR B 261 -20.51 2.52 -5.49
CA TYR B 261 -21.43 1.50 -4.93
C TYR B 261 -20.83 0.12 -5.17
N HIS B 262 -21.22 -0.84 -4.32
CA HIS B 262 -20.76 -2.24 -4.39
C HIS B 262 -21.74 -3.16 -3.66
N CYS B 263 -21.70 -4.45 -4.01
CA CYS B 263 -22.37 -5.57 -3.30
C CYS B 263 -21.87 -5.59 -1.86
N ALA B 264 -22.75 -5.96 -0.93
CA ALA B 264 -22.49 -5.92 0.52
C ALA B 264 -23.05 -7.18 1.16
N THR B 265 -22.92 -8.32 0.48
CA THR B 265 -23.28 -9.66 0.98
C THR B 265 -21.96 -10.34 1.32
N PRO B 266 -21.79 -10.93 2.51
CA PRO B 266 -20.54 -11.61 2.87
C PRO B 266 -20.25 -12.78 1.94
N SER B 267 -18.97 -13.00 1.59
CA SER B 267 -17.84 -12.14 1.89
C SER B 267 -17.83 -10.98 0.90
N VAL B 268 -17.74 -9.75 1.41
CA VAL B 268 -17.84 -8.49 0.60
C VAL B 268 -16.61 -8.36 -0.30
N PRO B 269 -15.40 -8.68 0.20
CA PRO B 269 -14.23 -8.69 -0.67
C PRO B 269 -14.43 -9.65 -1.86
N ASN B 270 -15.01 -10.83 -1.60
CA ASN B 270 -15.27 -11.84 -2.65
C ASN B 270 -16.20 -11.22 -3.71
N HIS B 271 -17.37 -10.72 -3.31
CA HIS B 271 -18.37 -10.14 -4.24
C HIS B 271 -17.75 -8.95 -4.99
N ILE B 272 -16.89 -8.15 -4.36
CA ILE B 272 -16.23 -7.01 -5.06
C ILE B 272 -15.22 -7.55 -6.09
N THR B 273 -14.29 -8.44 -5.70
CA THR B 273 -13.22 -8.89 -6.63
C THR B 273 -13.88 -9.51 -7.86
N ASN B 274 -15.02 -10.19 -7.70
CA ASN B 274 -15.73 -10.87 -8.82
C ASN B 274 -16.42 -9.84 -9.73
N GLY B 275 -16.59 -8.59 -9.26
CA GLY B 275 -16.89 -7.42 -10.12
C GLY B 275 -18.11 -6.61 -9.70
N MET B 276 -18.62 -6.76 -8.48
CA MET B 276 -19.85 -6.03 -8.08
C MET B 276 -19.45 -4.66 -7.51
N TYR B 277 -19.01 -3.75 -8.39
CA TYR B 277 -18.73 -2.33 -8.05
C TYR B 277 -19.15 -1.42 -9.21
N GLY B 278 -19.55 -0.19 -8.88
CA GLY B 278 -19.97 0.86 -9.83
C GLY B 278 -19.81 2.26 -9.25
N LEU B 279 -20.11 3.29 -10.05
CA LEU B 279 -20.09 4.69 -9.59
C LEU B 279 -21.50 5.27 -9.63
N LEU B 280 -21.84 6.07 -8.61
CA LEU B 280 -23.03 6.97 -8.52
C LEU B 280 -22.54 8.41 -8.45
N LEU B 281 -22.83 9.22 -9.47
CA LEU B 281 -22.65 10.69 -9.41
C LEU B 281 -23.90 11.31 -8.82
N VAL B 282 -23.74 12.09 -7.74
CA VAL B 282 -24.81 13.00 -7.22
C VAL B 282 -24.36 14.41 -7.61
N GLU B 283 -24.97 14.96 -8.68
CA GLU B 283 -24.61 16.30 -9.23
C GLU B 283 -24.88 17.35 -8.17
N PRO B 284 -23.99 18.36 -7.99
CA PRO B 284 -24.35 19.55 -7.22
C PRO B 284 -25.42 20.35 -7.98
N GLU B 285 -26.02 21.35 -7.33
CA GLU B 285 -27.05 22.25 -7.92
C GLU B 285 -26.60 22.72 -9.30
N GLY B 286 -25.43 23.35 -9.37
CA GLY B 286 -24.92 23.94 -10.64
C GLY B 286 -24.79 22.94 -11.78
N GLY B 287 -24.74 21.63 -11.48
CA GLY B 287 -24.09 20.62 -12.34
C GLY B 287 -22.57 20.78 -12.29
N LEU B 288 -21.82 19.79 -12.80
CA LEU B 288 -20.34 19.86 -12.92
C LEU B 288 -20.01 20.78 -14.07
N PRO B 289 -18.85 21.47 -14.06
CA PRO B 289 -18.44 22.29 -15.21
C PRO B 289 -18.68 21.61 -16.57
N GLN B 290 -19.09 22.38 -17.60
CA GLN B 290 -19.32 21.87 -18.99
C GLN B 290 -17.98 21.35 -19.49
N VAL B 291 -18.02 20.17 -20.09
CA VAL B 291 -16.84 19.55 -20.75
C VAL B 291 -17.32 18.84 -22.02
N ASP B 292 -16.44 18.67 -23.00
CA ASP B 292 -16.77 18.12 -24.33
C ASP B 292 -17.09 16.62 -24.21
N ARG B 293 -16.35 15.88 -23.37
CA ARG B 293 -16.45 14.40 -23.33
C ARG B 293 -16.18 13.86 -21.92
N GLU B 294 -17.06 12.96 -21.47
CA GLU B 294 -17.01 12.21 -20.19
C GLU B 294 -16.70 10.73 -20.44
N PHE B 295 -15.96 10.11 -19.50
CA PHE B 295 -15.60 8.66 -19.49
C PHE B 295 -15.75 8.04 -18.11
N TYR B 296 -16.14 6.75 -18.09
CA TYR B 296 -16.33 5.88 -16.90
C TYR B 296 -15.21 4.84 -16.78
N VAL B 297 -14.38 4.90 -15.73
CA VAL B 297 -13.26 3.94 -15.51
C VAL B 297 -13.16 3.55 -14.03
N MET B 298 -13.05 2.25 -13.74
CA MET B 298 -12.83 1.74 -12.38
C MET B 298 -11.72 0.68 -12.42
N GLN B 299 -10.90 0.65 -11.37
CA GLN B 299 -9.80 -0.31 -11.12
C GLN B 299 -10.23 -1.33 -10.06
N GLY B 300 -9.95 -2.61 -10.31
CA GLY B 300 -10.11 -3.69 -9.32
C GLY B 300 -9.03 -4.74 -9.46
N GLU B 301 -9.07 -5.74 -8.58
CA GLU B 301 -8.11 -6.87 -8.55
C GLU B 301 -8.85 -8.19 -8.70
N ILE B 302 -8.23 -9.20 -9.30
CA ILE B 302 -8.73 -10.60 -9.24
C ILE B 302 -7.59 -11.50 -8.77
N TYR B 303 -7.96 -12.43 -7.88
CA TYR B 303 -7.09 -13.30 -7.05
C TYR B 303 -7.26 -14.74 -7.54
N THR B 304 -6.43 -15.17 -8.49
CA THR B 304 -6.55 -16.48 -9.19
C THR B 304 -5.55 -17.50 -8.65
N VAL B 305 -5.92 -18.77 -8.69
CA VAL B 305 -4.99 -19.89 -8.30
C VAL B 305 -3.73 -19.82 -9.17
N LYS B 306 -3.89 -19.69 -10.50
CA LYS B 306 -2.75 -19.78 -11.45
C LYS B 306 -2.29 -18.35 -11.72
N PRO B 307 -0.99 -18.14 -11.99
CA PRO B 307 -0.49 -16.79 -12.26
C PRO B 307 -1.10 -16.14 -13.50
N PHE B 308 -0.98 -14.81 -13.58
CA PHE B 308 -1.28 -13.96 -14.74
C PHE B 308 -0.78 -14.62 -16.04
N GLY B 309 -1.63 -14.76 -17.05
CA GLY B 309 -1.23 -15.21 -18.41
C GLY B 309 -1.57 -16.66 -18.69
N THR B 310 -1.98 -17.39 -17.67
CA THR B 310 -2.37 -18.82 -17.76
C THR B 310 -3.71 -18.90 -18.51
N SER B 311 -3.76 -19.64 -19.62
CA SER B 311 -4.98 -19.91 -20.41
C SER B 311 -5.91 -20.84 -19.61
N GLY B 312 -7.20 -20.83 -19.95
CA GLY B 312 -8.21 -21.76 -19.44
C GLY B 312 -9.16 -21.08 -18.47
N GLU B 313 -9.98 -21.87 -17.78
CA GLU B 313 -10.79 -21.42 -16.62
C GLU B 313 -9.82 -21.09 -15.48
N GLN B 314 -9.72 -19.80 -15.14
CA GLN B 314 -9.08 -19.33 -13.89
C GLN B 314 -10.10 -19.43 -12.75
N GLU B 315 -9.65 -19.87 -11.58
CA GLU B 315 -10.49 -19.97 -10.36
C GLU B 315 -9.94 -19.04 -9.30
N MET B 316 -10.77 -18.75 -8.32
CA MET B 316 -10.49 -17.82 -7.20
C MET B 316 -9.61 -18.55 -6.18
N ASP B 317 -8.68 -17.82 -5.56
CA ASP B 317 -7.77 -18.30 -4.47
C ASP B 317 -8.02 -17.49 -3.18
N TYR B 318 -8.76 -18.05 -2.22
CA TYR B 318 -9.18 -17.37 -0.96
C TYR B 318 -7.93 -16.92 -0.21
N GLU B 319 -6.94 -17.80 -0.11
CA GLU B 319 -5.72 -17.49 0.68
C GLU B 319 -5.12 -16.21 0.10
N LYS B 320 -5.12 -16.05 -1.22
CA LYS B 320 -4.49 -14.88 -1.89
C LYS B 320 -5.39 -13.64 -1.70
N LEU B 321 -6.69 -13.85 -1.73
CA LEU B 321 -7.66 -12.75 -1.48
C LEU B 321 -7.42 -12.18 -0.05
N ILE B 322 -7.55 -12.97 1.01
CA ILE B 322 -7.49 -12.45 2.40
C ILE B 322 -6.09 -11.93 2.73
N SER B 323 -5.04 -12.37 2.03
CA SER B 323 -3.64 -11.89 2.26
C SER B 323 -3.21 -10.80 1.26
N GLU B 324 -4.14 -10.34 0.39
CA GLU B 324 -3.93 -9.19 -0.54
C GLU B 324 -2.77 -9.50 -1.51
N LYS B 325 -2.79 -10.68 -2.14
CA LYS B 325 -1.82 -11.09 -3.20
C LYS B 325 -2.55 -11.37 -4.52
N PRO B 326 -2.95 -10.35 -5.31
CA PRO B 326 -3.69 -10.61 -6.55
C PRO B 326 -2.76 -11.02 -7.71
N GLU B 327 -3.35 -11.54 -8.77
CA GLU B 327 -2.63 -11.90 -10.01
C GLU B 327 -3.02 -10.90 -11.11
N TYR B 328 -4.28 -10.46 -11.10
CA TYR B 328 -4.83 -9.49 -12.08
C TYR B 328 -5.17 -8.15 -11.41
N PHE B 329 -4.66 -7.08 -12.04
CA PHE B 329 -5.05 -5.66 -11.88
C PHE B 329 -5.70 -5.16 -13.18
N LEU B 330 -6.96 -4.75 -13.11
CA LEU B 330 -7.85 -4.54 -14.27
C LEU B 330 -8.57 -3.18 -14.22
N PHE B 331 -8.66 -2.51 -15.38
CA PHE B 331 -9.66 -1.46 -15.69
C PHE B 331 -10.88 -2.10 -16.34
N ASN B 332 -12.06 -1.85 -15.79
CA ASN B 332 -13.35 -2.29 -16.37
C ASN B 332 -13.30 -3.78 -16.74
N GLY B 333 -12.84 -4.62 -15.81
CA GLY B 333 -13.21 -6.06 -15.79
C GLY B 333 -12.17 -7.03 -16.38
N SER B 334 -11.34 -6.64 -17.36
CA SER B 334 -10.65 -7.65 -18.20
C SER B 334 -9.33 -7.11 -18.72
N VAL B 335 -8.41 -8.01 -19.08
CA VAL B 335 -7.11 -7.66 -19.73
C VAL B 335 -7.45 -7.21 -21.14
N GLY B 336 -6.87 -6.10 -21.60
CA GLY B 336 -7.20 -5.54 -22.93
C GLY B 336 -8.55 -4.85 -22.96
N ALA B 337 -9.19 -4.63 -21.81
CA ALA B 337 -10.50 -3.92 -21.71
C ALA B 337 -10.43 -2.57 -22.44
N LEU B 338 -9.48 -1.72 -22.06
CA LEU B 338 -9.40 -0.32 -22.56
C LEU B 338 -8.25 -0.19 -23.57
N THR B 339 -7.72 -1.30 -24.08
CA THR B 339 -6.73 -1.27 -25.17
C THR B 339 -7.40 -1.88 -26.40
N ARG B 340 -7.86 -3.13 -26.29
CA ARG B 340 -8.27 -3.94 -27.47
C ARG B 340 -9.78 -3.80 -27.71
N THR B 341 -10.64 -4.08 -26.73
CA THR B 341 -12.08 -4.33 -26.98
C THR B 341 -12.92 -3.06 -26.81
N HIS B 342 -12.59 -2.18 -25.85
CA HIS B 342 -13.37 -0.94 -25.54
C HIS B 342 -12.44 0.21 -25.16
N PRO B 343 -11.48 0.62 -26.03
CA PRO B 343 -10.62 1.74 -25.71
C PRO B 343 -11.40 3.08 -25.76
N LEU B 344 -10.71 4.16 -25.37
CA LEU B 344 -11.25 5.55 -25.27
C LEU B 344 -10.84 6.35 -26.52
N TYR B 345 -11.80 7.09 -27.12
CA TYR B 345 -11.60 7.97 -28.30
C TYR B 345 -12.03 9.40 -27.99
N ALA B 346 -11.27 10.38 -28.47
CA ALA B 346 -11.52 11.83 -28.33
C ALA B 346 -10.77 12.62 -29.41
N ASN B 347 -11.16 13.89 -29.61
CA ASN B 347 -10.63 14.77 -30.67
C ASN B 347 -9.77 15.88 -30.04
N VAL B 348 -8.67 16.24 -30.70
CA VAL B 348 -7.81 17.39 -30.31
C VAL B 348 -8.70 18.62 -30.06
N GLY B 349 -8.34 19.43 -29.06
CA GLY B 349 -9.07 20.67 -28.71
C GLY B 349 -10.16 20.42 -27.68
N GLU B 350 -10.64 19.18 -27.56
CA GLU B 350 -11.70 18.82 -26.60
C GLU B 350 -11.15 18.78 -25.16
N THR B 351 -11.96 19.25 -24.22
CA THR B 351 -11.78 19.07 -22.76
C THR B 351 -12.43 17.73 -22.41
N VAL B 352 -11.74 16.92 -21.59
CA VAL B 352 -12.13 15.52 -21.24
C VAL B 352 -12.27 15.42 -19.72
N ARG B 353 -13.34 14.78 -19.25
CA ARG B 353 -13.49 14.40 -17.81
C ARG B 353 -13.51 12.87 -17.67
N ILE B 354 -12.68 12.33 -16.75
CA ILE B 354 -12.67 10.89 -16.38
C ILE B 354 -13.22 10.78 -14.96
N PHE B 355 -14.37 10.11 -14.79
CA PHE B 355 -14.84 9.64 -13.48
C PHE B 355 -14.08 8.36 -13.16
N PHE B 356 -13.12 8.41 -12.25
CA PHE B 356 -12.25 7.26 -11.87
C PHE B 356 -12.54 6.83 -10.44
N GLY B 357 -12.98 5.58 -10.28
CA GLY B 357 -13.19 4.93 -8.97
C GLY B 357 -12.41 3.63 -8.83
N VAL B 358 -12.09 3.27 -7.59
CA VAL B 358 -11.40 2.01 -7.23
C VAL B 358 -12.39 1.11 -6.47
N GLY B 359 -12.93 0.10 -7.14
CA GLY B 359 -13.70 -0.98 -6.50
C GLY B 359 -12.81 -1.79 -5.58
N GLY B 360 -11.57 -2.05 -6.01
CA GLY B 360 -10.57 -2.78 -5.22
C GLY B 360 -10.71 -4.29 -5.40
N PRO B 361 -10.85 -5.10 -4.32
CA PRO B 361 -11.17 -4.59 -2.97
C PRO B 361 -10.06 -3.98 -2.07
N ASN B 362 -8.77 -4.07 -2.42
CA ASN B 362 -7.66 -3.85 -1.44
C ASN B 362 -6.66 -2.75 -1.81
N PHE B 363 -6.43 -2.43 -3.10
CA PHE B 363 -5.25 -1.64 -3.55
C PHE B 363 -5.64 -0.22 -3.96
N THR B 364 -4.89 0.71 -3.39
CA THR B 364 -4.91 2.16 -3.69
C THR B 364 -4.22 2.37 -5.04
N SER B 365 -4.87 3.07 -5.99
CA SER B 365 -4.32 3.37 -7.34
C SER B 365 -3.58 4.71 -7.35
N SER B 366 -2.40 4.77 -7.97
CA SER B 366 -1.74 6.05 -8.31
C SER B 366 -2.14 6.41 -9.75
N PHE B 367 -3.32 6.99 -9.92
CA PHE B 367 -3.91 7.20 -11.26
C PHE B 367 -3.19 8.34 -11.97
N HIS B 368 -2.85 8.08 -13.23
CA HIS B 368 -2.00 8.93 -14.11
C HIS B 368 -2.37 8.65 -15.58
N VAL B 369 -2.31 9.69 -16.42
CA VAL B 369 -2.49 9.53 -17.88
C VAL B 369 -1.16 9.94 -18.51
N ILE B 370 -0.46 9.00 -19.16
CA ILE B 370 0.87 9.24 -19.76
C ILE B 370 0.64 10.25 -20.89
N GLY B 371 1.47 11.29 -20.93
CA GLY B 371 1.42 12.39 -21.92
C GLY B 371 0.36 13.44 -21.60
N GLU B 372 -0.31 13.36 -20.46
CA GLU B 372 -1.27 14.40 -20.03
C GLU B 372 -1.01 14.80 -18.56
N ILE B 373 -1.56 15.96 -18.20
CA ILE B 373 -1.53 16.61 -16.86
C ILE B 373 -2.96 16.88 -16.47
N PHE B 374 -3.33 16.70 -15.21
CA PHE B 374 -4.72 16.96 -14.77
C PHE B 374 -4.86 18.47 -14.56
N ASP B 375 -5.68 19.14 -15.38
CA ASP B 375 -5.97 20.60 -15.21
C ASP B 375 -6.67 20.76 -13.85
N HIS B 376 -7.63 19.89 -13.55
CA HIS B 376 -8.36 19.84 -12.26
C HIS B 376 -8.36 18.41 -11.68
N VAL B 377 -8.17 18.29 -10.36
CA VAL B 377 -8.34 17.02 -9.60
C VAL B 377 -9.25 17.31 -8.40
N TYR B 378 -10.43 16.70 -8.39
CA TYR B 378 -11.42 16.84 -7.31
C TYR B 378 -10.96 15.93 -6.16
N ALA B 379 -10.21 16.49 -5.21
CA ALA B 379 -9.54 15.78 -4.09
C ALA B 379 -10.54 14.98 -3.25
N LEU B 380 -10.22 13.71 -3.05
CA LEU B 380 -11.00 12.67 -2.31
C LEU B 380 -12.42 12.57 -2.86
N GLY B 381 -12.67 13.06 -4.06
CA GLY B 381 -13.99 13.00 -4.73
C GLY B 381 -14.97 14.05 -4.23
N SER B 382 -14.47 15.14 -3.65
CA SER B 382 -15.26 16.30 -3.18
C SER B 382 -15.61 17.13 -4.42
N VAL B 383 -16.90 17.31 -4.60
CA VAL B 383 -17.50 17.96 -5.79
C VAL B 383 -17.77 19.42 -5.42
N THR B 384 -17.61 19.77 -4.14
CA THR B 384 -18.03 21.05 -3.54
C THR B 384 -16.81 21.88 -3.11
N SER B 385 -15.66 21.26 -2.81
CA SER B 385 -14.39 21.93 -2.47
C SER B 385 -13.64 22.30 -3.75
N PRO B 386 -12.84 23.37 -3.78
CA PRO B 386 -12.08 23.72 -4.98
C PRO B 386 -11.22 22.55 -5.45
N PRO B 387 -11.22 22.22 -6.75
CA PRO B 387 -10.28 21.24 -7.26
C PRO B 387 -8.86 21.79 -7.14
N LEU B 388 -7.90 20.88 -6.99
CA LEU B 388 -6.44 21.13 -7.08
C LEU B 388 -6.06 21.18 -8.56
N THR B 389 -5.00 21.93 -8.89
CA THR B 389 -4.67 22.35 -10.27
C THR B 389 -3.24 21.93 -10.62
N GLY B 390 -3.02 21.41 -11.83
CA GLY B 390 -1.67 21.05 -12.33
C GLY B 390 -1.06 19.88 -11.59
N VAL B 391 -1.77 18.74 -11.59
CA VAL B 391 -1.45 17.51 -10.81
C VAL B 391 -1.11 16.36 -11.78
N GLN B 392 0.04 15.69 -11.59
CA GLN B 392 0.49 14.57 -12.45
C GLN B 392 -0.26 13.26 -12.11
N THR B 393 -0.45 13.02 -10.80
CA THR B 393 -0.79 11.68 -10.26
C THR B 393 -1.58 11.83 -8.94
N VAL B 394 -2.71 11.13 -8.84
CA VAL B 394 -3.61 11.18 -7.64
C VAL B 394 -3.77 9.77 -7.04
N SER B 395 -3.55 9.61 -5.73
CA SER B 395 -3.93 8.41 -4.94
C SER B 395 -5.45 8.31 -4.84
N VAL B 396 -6.01 7.18 -5.23
CA VAL B 396 -7.45 6.87 -5.00
C VAL B 396 -7.54 5.57 -4.19
N PRO B 397 -8.18 5.59 -3.00
CA PRO B 397 -8.24 4.38 -2.17
C PRO B 397 -9.28 3.42 -2.70
N PRO B 398 -9.26 2.14 -2.27
CA PRO B 398 -10.41 1.26 -2.49
C PRO B 398 -11.61 1.93 -1.80
N GLY B 399 -12.79 1.87 -2.44
CA GLY B 399 -14.04 2.46 -1.93
C GLY B 399 -14.02 3.98 -1.98
N GLY B 400 -13.11 4.55 -2.77
CA GLY B 400 -13.04 5.99 -3.05
C GLY B 400 -13.09 6.24 -4.55
N ALA B 401 -13.29 7.49 -4.96
CA ALA B 401 -13.30 7.89 -6.38
C ALA B 401 -12.83 9.34 -6.45
N THR B 402 -12.60 9.83 -7.66
CA THR B 402 -12.17 11.22 -7.93
C THR B 402 -12.73 11.56 -9.31
N ILE B 403 -12.57 12.80 -9.71
CA ILE B 403 -12.82 13.32 -11.09
C ILE B 403 -11.51 14.01 -11.49
N VAL B 404 -11.03 13.77 -12.70
CA VAL B 404 -9.91 14.53 -13.33
C VAL B 404 -10.41 15.13 -14.65
N ASP B 405 -9.77 16.18 -15.14
CA ASP B 405 -10.11 16.77 -16.46
C ASP B 405 -8.85 17.43 -16.99
N PHE B 406 -8.82 17.64 -18.30
CA PHE B 406 -7.64 18.19 -19.03
C PHE B 406 -8.11 18.55 -20.44
N LYS B 407 -7.41 19.49 -21.08
CA LYS B 407 -7.68 19.85 -22.49
C LYS B 407 -6.67 19.07 -23.35
N LEU B 408 -7.16 18.48 -24.44
CA LEU B 408 -6.33 17.74 -25.42
C LEU B 408 -5.73 18.75 -26.40
N ASP B 409 -4.55 19.28 -26.06
CA ASP B 409 -3.88 20.34 -26.86
C ASP B 409 -3.45 19.73 -28.19
N ARG B 410 -3.23 18.41 -28.22
CA ARG B 410 -2.69 17.73 -29.43
C ARG B 410 -3.05 16.25 -29.47
N GLY B 411 -2.63 15.58 -30.53
CA GLY B 411 -3.00 14.18 -30.82
C GLY B 411 -2.03 13.20 -30.22
N GLY B 412 -2.44 11.94 -30.16
CA GLY B 412 -1.57 10.85 -29.69
C GLY B 412 -2.37 9.73 -29.07
N ARG B 413 -1.66 8.65 -28.74
CA ARG B 413 -2.12 7.58 -27.83
C ARG B 413 -1.80 7.99 -26.38
N TYR B 414 -2.83 8.34 -25.60
CA TYR B 414 -2.70 8.66 -24.15
C TYR B 414 -3.00 7.38 -23.36
N VAL B 415 -2.18 7.08 -22.34
CA VAL B 415 -2.19 5.77 -21.62
C VAL B 415 -2.59 5.97 -20.15
N LEU B 416 -3.72 5.39 -19.76
CA LEU B 416 -4.17 5.32 -18.35
C LEU B 416 -3.39 4.19 -17.65
N VAL B 417 -2.72 4.50 -16.53
CA VAL B 417 -1.95 3.54 -15.68
C VAL B 417 -2.24 3.79 -14.20
N ASP B 418 -1.88 2.80 -13.39
CA ASP B 418 -1.59 2.93 -11.95
C ASP B 418 -0.07 3.02 -11.85
N HIS B 419 0.45 4.09 -11.30
CA HIS B 419 1.89 4.42 -11.44
C HIS B 419 2.70 3.59 -10.48
N ALA B 420 2.04 2.63 -9.79
CA ALA B 420 2.68 1.41 -9.22
C ALA B 420 2.91 0.45 -10.39
N LEU B 421 3.98 0.69 -11.15
CA LEU B 421 4.00 0.30 -12.58
C LEU B 421 4.25 -1.21 -12.77
N SER B 422 4.62 -1.95 -11.72
CA SER B 422 4.66 -3.43 -11.84
C SER B 422 3.25 -3.95 -12.17
N ARG B 423 2.20 -3.16 -12.00
CA ARG B 423 0.81 -3.61 -12.31
C ARG B 423 0.58 -3.54 -13.82
N LEU B 424 1.45 -2.87 -14.57
CA LEU B 424 1.53 -3.08 -16.04
C LEU B 424 1.59 -4.57 -16.36
N ASP B 425 2.37 -5.35 -15.59
CA ASP B 425 2.63 -6.79 -15.87
C ASP B 425 1.54 -7.68 -15.25
N HIS B 426 0.43 -7.11 -14.77
CA HIS B 426 -0.75 -7.89 -14.34
C HIS B 426 -2.01 -7.45 -15.07
N GLY B 427 -1.91 -6.69 -16.17
CA GLY B 427 -3.06 -6.33 -17.03
C GLY B 427 -3.55 -4.90 -16.89
N LEU B 428 -2.89 -4.03 -16.10
CA LEU B 428 -3.42 -2.66 -15.82
C LEU B 428 -2.81 -1.64 -16.80
N VAL B 429 -3.52 -1.41 -17.90
CA VAL B 429 -3.17 -0.38 -18.92
C VAL B 429 -4.43 -0.13 -19.77
N GLY B 430 -4.64 1.12 -20.18
CA GLY B 430 -5.75 1.52 -21.05
C GLY B 430 -5.27 2.61 -21.99
N PHE B 431 -5.95 2.80 -23.09
CA PHE B 431 -5.56 3.81 -24.12
C PHE B 431 -6.69 4.81 -24.31
N LEU B 432 -6.27 6.07 -24.47
CA LEU B 432 -7.11 7.19 -24.98
C LEU B 432 -6.52 7.60 -26.33
N ASN B 433 -7.26 7.29 -27.39
CA ASN B 433 -6.81 7.45 -28.79
C ASN B 433 -7.36 8.78 -29.33
N VAL B 434 -6.45 9.70 -29.71
CA VAL B 434 -6.76 11.06 -30.25
C VAL B 434 -5.98 11.28 -31.56
N ASP B 435 -6.70 11.45 -32.68
CA ASP B 435 -6.16 11.67 -34.06
C ASP B 435 -5.50 13.05 -34.16
N GLY B 436 -4.24 13.09 -34.62
CA GLY B 436 -3.51 14.34 -34.94
C GLY B 436 -2.11 14.06 -35.47
N PRO B 437 -1.44 15.03 -36.13
CA PRO B 437 -0.04 14.85 -36.54
C PRO B 437 0.90 14.45 -35.39
N LYS B 438 1.93 13.65 -35.70
CA LYS B 438 3.02 13.23 -34.76
C LYS B 438 3.79 14.46 -34.31
N ASN B 439 4.21 15.31 -35.26
CA ASN B 439 4.99 16.56 -34.99
C ASN B 439 4.08 17.79 -35.05
N ASP B 440 4.24 18.67 -34.05
CA ASP B 440 3.50 19.95 -33.86
C ASP B 440 4.26 20.81 -32.83
N ALA B 441 3.70 21.98 -32.49
CA ALA B 441 4.32 23.05 -31.69
C ALA B 441 4.51 22.63 -30.23
N ILE B 442 3.64 21.76 -29.70
CA ILE B 442 3.63 21.32 -28.27
C ILE B 442 4.65 20.20 -28.01
N MET B 443 4.97 19.36 -29.03
CA MET B 443 5.99 18.26 -28.96
C MET B 443 6.35 17.82 -30.39
N HIS B 444 7.64 17.75 -30.75
CA HIS B 444 8.09 17.42 -32.13
C HIS B 444 9.51 16.83 -32.14
N GLU B 445 9.91 16.28 -33.30
CA GLU B 445 11.07 15.36 -33.48
C GLU B 445 12.40 16.10 -33.31
N GLY B 446 12.76 17.04 -34.18
CA GLY B 446 14.09 17.70 -34.15
C GLY B 446 14.15 18.77 -33.06
N PRO B 447 15.13 19.73 -33.13
CA PRO B 447 15.09 20.97 -32.33
C PRO B 447 14.13 22.07 -32.81
N PRO B 448 13.99 23.22 -32.10
CA PRO B 448 13.34 24.40 -32.68
C PRO B 448 14.32 25.22 -33.52
N SER C 26 20.03 7.25 19.28
CA SER C 26 20.45 7.27 17.85
C SER C 26 19.32 6.71 16.98
N HIS C 27 19.21 7.17 15.73
CA HIS C 27 18.28 6.60 14.72
C HIS C 27 19.06 5.73 13.71
N ALA C 28 20.39 5.57 13.93
CA ALA C 28 21.26 4.55 13.27
C ALA C 28 21.79 3.59 14.33
N PRO C 29 20.95 2.66 14.85
CA PRO C 29 21.41 1.58 15.71
C PRO C 29 22.22 0.55 14.88
N VAL C 30 23.20 -0.06 15.52
CA VAL C 30 23.91 -1.26 15.00
C VAL C 30 23.03 -2.49 15.27
N VAL C 31 22.74 -3.28 14.24
CA VAL C 31 21.68 -4.33 14.31
C VAL C 31 22.30 -5.72 14.11
N PHE C 32 21.95 -6.65 14.98
CA PHE C 32 22.33 -8.08 14.88
C PHE C 32 21.06 -8.94 15.00
N THR C 33 21.01 -10.01 14.19
CA THR C 33 19.91 -11.00 14.20
C THR C 33 20.48 -12.38 14.58
N LEU C 34 19.97 -12.98 15.65
CA LEU C 34 20.32 -14.35 16.12
C LEU C 34 19.10 -15.26 16.00
N ARG C 35 19.29 -16.43 15.38
CA ARG C 35 18.30 -17.54 15.35
C ARG C 35 18.82 -18.64 16.27
N THR C 36 17.98 -19.17 17.14
CA THR C 36 18.37 -20.32 18.00
C THR C 36 18.43 -21.56 17.11
N GLY C 37 19.27 -22.53 17.47
CA GLY C 37 19.39 -23.79 16.70
C GLY C 37 20.34 -24.79 17.33
N ILE C 38 20.57 -25.88 16.61
CA ILE C 38 21.57 -26.94 16.94
C ILE C 38 22.71 -26.83 15.92
N ALA C 39 23.93 -26.58 16.38
CA ALA C 39 25.12 -26.54 15.51
C ALA C 39 26.34 -26.93 16.33
N GLU C 40 27.37 -27.46 15.65
CA GLU C 40 28.64 -27.98 16.21
C GLU C 40 28.35 -28.85 17.45
N GLY C 41 27.27 -29.64 17.40
CA GLY C 41 26.93 -30.65 18.43
C GLY C 41 26.38 -30.03 19.69
N ARG C 42 25.94 -28.76 19.63
CA ARG C 42 25.47 -27.95 20.79
C ARG C 42 24.21 -27.17 20.44
N MET C 43 23.47 -26.75 21.48
CA MET C 43 22.35 -25.78 21.38
C MET C 43 22.93 -24.36 21.46
N VAL C 44 22.76 -23.60 20.38
CA VAL C 44 23.51 -22.33 20.17
C VAL C 44 22.59 -21.24 19.62
N TYR C 45 23.18 -20.05 19.49
CA TYR C 45 22.68 -18.90 18.69
C TYR C 45 23.42 -18.94 17.35
N ILE C 46 22.70 -18.72 16.24
CA ILE C 46 23.30 -18.70 14.87
C ILE C 46 23.04 -17.31 14.29
N GLY C 47 24.09 -16.64 13.84
CA GLY C 47 24.01 -15.30 13.22
C GLY C 47 23.21 -15.36 11.92
N VAL C 48 22.41 -14.33 11.67
CA VAL C 48 21.56 -14.23 10.45
C VAL C 48 21.88 -12.92 9.74
N GLY C 49 22.45 -13.03 8.53
CA GLY C 49 22.81 -11.91 7.64
C GLY C 49 23.81 -10.98 8.27
N GLY C 50 24.21 -9.94 7.55
CA GLY C 50 25.35 -9.06 7.93
C GLY C 50 26.68 -9.80 7.94
N ASP C 51 27.58 -9.37 8.82
CA ASP C 51 28.96 -9.89 8.98
C ASP C 51 28.93 -11.17 9.81
N ILE C 52 27.77 -11.60 10.31
CA ILE C 52 27.67 -12.74 11.27
C ILE C 52 26.88 -13.91 10.66
N ASP C 53 26.49 -13.81 9.38
CA ASP C 53 25.62 -14.83 8.72
C ASP C 53 26.21 -16.22 8.95
N ARG C 54 25.45 -17.13 9.57
CA ARG C 54 25.75 -18.59 9.66
C ARG C 54 26.83 -18.90 10.70
N GLN C 55 27.53 -17.90 11.25
CA GLN C 55 28.49 -18.09 12.36
C GLN C 55 27.74 -18.61 13.59
N VAL C 56 28.32 -19.49 14.39
CA VAL C 56 27.62 -19.99 15.62
C VAL C 56 28.18 -19.17 16.77
N ASN C 57 27.30 -18.76 17.70
CA ASN C 57 27.60 -17.91 18.88
C ASN C 57 28.55 -16.78 18.45
N PRO C 58 28.14 -16.00 17.43
CA PRO C 58 29.06 -15.04 16.81
C PRO C 58 29.48 -13.97 17.82
N LYS C 59 30.69 -13.46 17.65
CA LYS C 59 31.14 -12.24 18.38
C LYS C 59 30.40 -11.03 17.79
N LEU C 60 29.69 -10.29 18.64
CA LEU C 60 29.00 -9.03 18.23
C LEU C 60 29.93 -7.85 18.56
N VAL C 61 30.63 -7.35 17.54
CA VAL C 61 31.63 -6.25 17.69
C VAL C 61 30.95 -4.88 17.49
N VAL C 62 31.11 -4.04 18.49
CA VAL C 62 30.35 -2.77 18.65
C VAL C 62 31.34 -1.69 19.11
N HIS C 63 31.12 -0.44 18.70
CA HIS C 63 31.98 0.69 19.11
C HIS C 63 31.32 1.46 20.25
N GLU C 64 32.12 1.88 21.24
CA GLU C 64 31.71 2.63 22.47
C GLU C 64 30.76 3.78 22.11
N GLY C 65 29.58 3.84 22.74
CA GLY C 65 28.59 4.92 22.52
C GLY C 65 27.52 4.54 21.50
N GLU C 66 27.70 3.45 20.74
CA GLU C 66 26.73 2.97 19.73
C GLU C 66 25.46 2.41 20.40
N THR C 67 24.30 2.61 19.79
CA THR C 67 23.04 1.92 20.21
C THR C 67 22.96 0.56 19.50
N VAL C 68 22.79 -0.49 20.28
CA VAL C 68 22.80 -1.90 19.79
C VAL C 68 21.36 -2.41 19.82
N GLN C 69 20.93 -2.97 18.71
CA GLN C 69 19.63 -3.67 18.56
C GLN C 69 19.96 -5.14 18.28
N ILE C 70 19.40 -6.04 19.09
CA ILE C 70 19.53 -7.50 18.90
C ILE C 70 18.13 -8.06 18.70
N ASN C 71 17.92 -8.72 17.57
CA ASN C 71 16.65 -9.43 17.24
C ASN C 71 16.86 -10.92 17.52
N LEU C 72 16.12 -11.49 18.49
CA LEU C 72 16.20 -12.94 18.77
C LEU C 72 15.02 -13.63 18.11
N ILE C 73 15.28 -14.63 17.27
CA ILE C 73 14.25 -15.47 16.61
C ILE C 73 14.47 -16.92 17.00
N ASN C 74 13.39 -17.58 17.42
CA ASN C 74 13.38 -18.99 17.86
C ASN C 74 13.45 -19.91 16.63
N GLY C 75 14.52 -20.70 16.50
CA GLY C 75 14.75 -21.57 15.34
C GLY C 75 14.09 -22.94 15.48
N GLU C 76 14.32 -23.65 16.59
CA GLU C 76 14.04 -25.10 16.68
C GLU C 76 12.84 -25.42 17.61
N GLY C 77 12.41 -24.50 18.47
CA GLY C 77 11.08 -24.58 19.13
C GLY C 77 11.11 -24.84 20.64
N ALA C 78 12.27 -24.78 21.29
CA ALA C 78 12.39 -24.76 22.78
C ALA C 78 12.28 -23.28 23.25
N GLN C 79 12.09 -23.04 24.53
CA GLN C 79 12.02 -21.65 25.06
C GLN C 79 13.45 -21.05 25.11
N HIS C 80 13.59 -19.77 24.77
CA HIS C 80 14.87 -19.04 24.77
C HIS C 80 14.68 -17.56 25.11
N ASP C 81 15.76 -16.96 25.59
CA ASP C 81 15.99 -15.50 25.62
C ASP C 81 17.48 -15.24 25.34
N ALA C 82 17.85 -13.96 25.35
CA ALA C 82 19.24 -13.46 25.41
C ALA C 82 19.34 -12.40 26.51
N VAL C 83 20.39 -12.48 27.31
CA VAL C 83 20.65 -11.62 28.50
C VAL C 83 22.11 -11.15 28.46
N ILE C 84 22.36 -9.87 28.70
CA ILE C 84 23.72 -9.30 28.88
C ILE C 84 23.71 -8.64 30.25
N ASP C 85 24.39 -9.25 31.24
CA ASP C 85 24.23 -8.92 32.69
C ASP C 85 24.55 -7.42 32.89
N GLN C 86 25.67 -6.98 32.31
CA GLN C 86 26.37 -5.73 32.66
C GLN C 86 25.60 -4.52 32.12
N TYR C 87 24.62 -4.72 31.24
CA TYR C 87 23.81 -3.66 30.60
C TYR C 87 22.34 -3.75 31.04
N ALA C 88 22.06 -4.61 32.02
CA ALA C 88 20.69 -4.92 32.48
C ALA C 88 19.75 -5.04 31.27
N ALA C 89 20.21 -5.65 30.18
CA ALA C 89 19.45 -5.82 28.92
C ALA C 89 19.01 -7.29 28.76
N ARG C 90 17.80 -7.55 28.29
CA ARG C 90 17.42 -8.90 27.84
C ARG C 90 16.26 -8.85 26.84
N SER C 91 16.15 -9.87 26.00
CA SER C 91 14.92 -10.19 25.23
C SER C 91 13.82 -10.65 26.19
N ALA C 92 12.59 -10.72 25.70
CA ALA C 92 11.50 -11.58 26.26
C ALA C 92 11.82 -13.05 25.96
N ILE C 93 11.09 -13.95 26.61
CA ILE C 93 11.17 -15.41 26.36
C ILE C 93 10.35 -15.72 25.10
N VAL C 94 10.99 -16.26 24.07
CA VAL C 94 10.33 -16.73 22.81
C VAL C 94 10.17 -18.25 22.88
N SER C 95 8.97 -18.78 22.60
CA SER C 95 8.59 -20.19 22.90
C SER C 95 8.48 -21.08 21.66
N GLY C 96 7.65 -20.75 20.68
CA GLY C 96 7.50 -21.60 19.48
C GLY C 96 8.44 -21.17 18.36
N LYS C 97 8.53 -21.98 17.29
N LYS C 97 8.54 -21.98 17.30
CA LYS C 97 9.31 -21.66 16.06
CA LYS C 97 9.34 -21.67 16.08
C LYS C 97 8.86 -20.29 15.55
C LYS C 97 8.87 -20.33 15.51
N ASN C 98 9.84 -19.43 15.23
CA ASN C 98 9.67 -18.12 14.55
C ASN C 98 9.30 -17.02 15.54
N ALA C 99 8.90 -17.37 16.76
CA ALA C 99 8.63 -16.39 17.82
C ALA C 99 9.88 -15.53 18.03
N SER C 100 9.70 -14.21 18.16
CA SER C 100 10.78 -13.18 18.08
C SER C 100 10.67 -12.16 19.21
N SER C 101 11.80 -11.61 19.60
CA SER C 101 11.87 -10.54 20.61
C SER C 101 13.12 -9.74 20.34
N THR C 102 12.92 -8.44 20.10
CA THR C 102 13.96 -7.44 19.85
C THR C 102 14.16 -6.64 21.14
N PHE C 103 15.41 -6.34 21.48
CA PHE C 103 15.77 -5.44 22.61
C PHE C 103 16.95 -4.54 22.21
N SER C 104 17.13 -3.42 22.90
CA SER C 104 18.23 -2.44 22.65
C SER C 104 18.76 -1.85 23.95
N PHE C 105 19.92 -1.20 23.84
CA PHE C 105 20.73 -0.60 24.93
C PHE C 105 21.86 0.20 24.28
N ILE C 106 22.49 1.10 25.04
CA ILE C 106 23.69 1.87 24.58
C ILE C 106 24.96 1.16 25.08
N ALA C 107 25.87 0.83 24.18
CA ALA C 107 27.19 0.23 24.48
C ALA C 107 28.13 1.28 25.10
N SER C 108 27.86 1.63 26.37
CA SER C 108 28.51 2.75 27.09
C SER C 108 29.83 2.33 27.77
N LYS C 109 30.05 1.03 28.06
CA LYS C 109 31.28 0.51 28.76
C LYS C 109 32.10 -0.36 27.80
N VAL C 110 33.39 -0.07 27.65
CA VAL C 110 34.36 -0.90 26.87
C VAL C 110 34.58 -2.23 27.62
N GLY C 111 34.90 -3.28 26.86
CA GLY C 111 35.29 -4.61 27.40
C GLY C 111 34.58 -5.78 26.69
N GLN C 112 34.57 -6.94 27.33
CA GLN C 112 33.90 -8.14 26.79
C GLN C 112 32.80 -8.59 27.75
N PHE C 113 31.65 -8.92 27.18
CA PHE C 113 30.39 -9.17 27.92
C PHE C 113 29.72 -10.38 27.29
N ASP C 114 29.31 -11.36 28.10
CA ASP C 114 28.52 -12.55 27.65
C ASP C 114 27.08 -12.11 27.43
N TYR C 115 26.56 -12.43 26.25
CA TYR C 115 25.12 -12.67 25.97
C TYR C 115 24.87 -14.17 26.15
N TYR C 116 23.81 -14.54 26.86
CA TYR C 116 23.46 -15.95 27.12
C TYR C 116 21.95 -16.15 27.24
N CYS C 117 21.53 -17.39 27.12
CA CYS C 117 20.15 -17.85 27.41
C CYS C 117 20.03 -18.23 28.89
N SER C 118 19.02 -17.73 29.58
CA SER C 118 18.83 -17.90 31.04
C SER C 118 17.87 -19.07 31.33
N LEU C 119 17.34 -19.74 30.30
CA LEU C 119 16.42 -20.91 30.51
C LEU C 119 17.25 -22.07 31.10
N PRO C 120 16.64 -22.87 32.01
CA PRO C 120 17.38 -23.90 32.73
C PRO C 120 18.18 -24.82 31.78
N GLY C 121 19.51 -24.85 31.97
CA GLY C 121 20.47 -25.70 31.26
C GLY C 121 20.99 -25.09 29.98
N HIS C 122 20.29 -24.14 29.37
CA HIS C 122 20.60 -23.67 27.99
C HIS C 122 22.02 -23.07 27.93
N ARG C 123 22.49 -22.37 28.97
CA ARG C 123 23.84 -21.74 28.92
C ARG C 123 24.91 -22.84 28.91
N GLN C 124 24.85 -23.74 29.91
CA GLN C 124 25.62 -25.01 30.04
C GLN C 124 25.60 -25.81 28.71
N ALA C 125 24.47 -25.83 28.01
CA ALA C 125 24.25 -26.64 26.78
C ALA C 125 24.78 -25.94 25.53
N GLY C 126 25.28 -24.69 25.63
CA GLY C 126 25.99 -23.98 24.54
C GLY C 126 25.49 -22.56 24.20
N MET C 127 24.38 -22.09 24.80
CA MET C 127 23.71 -20.82 24.40
C MET C 127 24.42 -19.64 25.08
N GLN C 128 25.58 -19.26 24.54
CA GLN C 128 26.46 -18.22 25.12
C GLN C 128 27.44 -17.74 24.04
N GLY C 129 27.56 -16.42 23.88
CA GLY C 129 28.51 -15.74 22.97
C GLY C 129 29.01 -14.48 23.64
N VAL C 130 29.93 -13.72 23.00
CA VAL C 130 30.48 -12.47 23.61
C VAL C 130 30.07 -11.28 22.73
N LEU C 131 29.75 -10.16 23.41
CA LEU C 131 29.60 -8.78 22.86
C LEU C 131 30.90 -8.05 23.17
N GLN C 132 31.63 -7.59 22.16
CA GLN C 132 32.88 -6.84 22.38
C GLN C 132 32.61 -5.38 22.04
N VAL C 133 32.70 -4.53 23.08
CA VAL C 133 32.59 -3.04 23.00
C VAL C 133 34.02 -2.46 22.96
N VAL C 134 34.41 -1.93 21.80
CA VAL C 134 35.76 -1.41 21.39
C VAL C 134 35.77 0.11 21.51
N PRO C 135 36.89 0.77 21.93
CA PRO C 135 36.95 2.22 22.01
C PRO C 135 37.13 2.83 20.61
N GLY C 136 36.73 4.10 20.46
CA GLY C 136 36.86 4.84 19.19
C GLY C 136 35.66 4.66 18.30
N ASN C 137 35.67 5.30 17.13
CA ASN C 137 34.51 5.36 16.20
C ASN C 137 34.68 4.29 15.12
N ARG C 138 33.56 3.71 14.68
CA ARG C 138 33.51 2.70 13.60
C ARG C 138 34.11 3.32 12.33
N ALA C 139 35.13 2.70 11.73
CA ALA C 139 35.72 3.08 10.42
C ALA C 139 34.78 2.64 9.30
N GLU C 140 34.73 3.40 8.20
CA GLU C 140 33.86 3.14 7.01
C GLU C 140 34.63 2.22 6.06
N MET C 141 33.95 1.27 5.42
CA MET C 141 34.59 0.34 4.45
C MET C 141 34.97 1.11 3.18
N PRO C 142 36.24 1.06 2.71
CA PRO C 142 36.60 1.70 1.45
C PRO C 142 35.74 1.15 0.32
N SER C 143 35.20 2.01 -0.53
CA SER C 143 34.18 1.59 -1.53
C SER C 143 34.88 0.92 -2.71
N THR C 144 34.13 0.13 -3.46
CA THR C 144 34.59 -0.78 -4.54
C THR C 144 33.99 -0.35 -5.89
N ALA C 145 32.91 0.46 -5.87
CA ALA C 145 32.18 0.94 -7.06
C ALA C 145 31.93 2.45 -6.96
N ALA C 146 31.55 3.07 -8.09
CA ALA C 146 31.23 4.51 -8.21
C ALA C 146 30.19 4.87 -7.13
N ASP C 147 30.31 6.05 -6.53
CA ASP C 147 29.24 6.68 -5.72
C ASP C 147 28.14 7.11 -6.70
N ILE C 148 26.94 6.49 -6.67
CA ILE C 148 25.80 6.84 -7.58
C ILE C 148 24.78 7.74 -6.87
N THR C 149 25.09 8.19 -5.65
CA THR C 149 24.17 8.99 -4.81
C THR C 149 24.23 10.46 -5.24
N ARG C 150 23.06 11.03 -5.54
CA ARG C 150 22.87 12.47 -5.81
C ARG C 150 22.86 13.22 -4.48
N ASP C 151 23.76 14.17 -4.30
CA ASP C 151 23.76 15.09 -3.13
C ASP C 151 22.41 15.83 -3.09
N PRO C 152 21.74 15.98 -1.93
CA PRO C 152 20.44 16.64 -1.90
C PRO C 152 20.54 18.16 -2.16
N ALA C 153 21.75 18.74 -2.09
CA ALA C 153 22.05 20.15 -2.44
C ALA C 153 22.42 20.32 -3.93
N ASP C 154 22.55 19.25 -4.70
CA ASP C 154 22.99 19.32 -6.13
C ASP C 154 21.75 19.48 -7.02
N LEU C 155 21.22 20.71 -7.05
CA LEU C 155 20.12 21.20 -7.94
C LEU C 155 20.37 22.67 -8.28
N PRO C 156 19.85 23.17 -9.42
CA PRO C 156 19.93 24.60 -9.73
C PRO C 156 19.03 25.44 -8.82
N GLY C 157 19.47 26.67 -8.50
CA GLY C 157 18.75 27.63 -7.65
C GLY C 157 17.53 28.20 -8.37
N PRO C 158 16.75 29.08 -7.70
CA PRO C 158 15.60 29.72 -8.34
C PRO C 158 15.95 30.50 -9.62
N ILE C 159 15.11 30.37 -10.65
CA ILE C 159 15.23 31.15 -11.91
C ILE C 159 14.85 32.57 -11.55
N GLY C 160 15.61 33.58 -11.96
CA GLY C 160 15.16 34.98 -11.78
C GLY C 160 13.79 35.21 -12.43
N ALA C 161 13.14 36.34 -12.16
CA ALA C 161 12.13 36.89 -13.10
C ALA C 161 12.86 37.15 -14.43
N ARG C 162 12.16 36.92 -15.54
CA ARG C 162 12.74 36.55 -16.86
C ARG C 162 11.57 36.23 -17.79
N GLN C 163 11.67 36.54 -19.09
CA GLN C 163 10.64 36.15 -20.09
C GLN C 163 10.76 34.65 -20.37
N ALA C 164 9.66 34.00 -20.77
CA ALA C 164 9.66 32.62 -21.30
C ALA C 164 10.67 32.55 -22.45
N LYS C 165 11.31 31.39 -22.67
CA LYS C 165 12.36 31.25 -23.69
C LYS C 165 12.66 29.77 -23.99
N THR C 166 13.57 29.54 -24.94
CA THR C 166 14.04 28.19 -25.32
C THR C 166 15.25 27.82 -24.47
N VAL C 167 15.15 26.69 -23.76
CA VAL C 167 16.20 26.10 -22.87
C VAL C 167 16.66 24.77 -23.47
N ARG C 168 17.97 24.58 -23.61
CA ARG C 168 18.52 23.27 -24.04
C ARG C 168 18.92 22.49 -22.79
N ILE C 169 18.44 21.25 -22.71
CA ILE C 169 18.78 20.28 -21.64
C ILE C 169 19.42 19.06 -22.28
N ASP C 170 20.55 18.61 -21.71
CA ASP C 170 21.30 17.39 -22.11
C ASP C 170 21.24 16.34 -20.99
N LEU C 171 20.71 15.16 -21.31
CA LEU C 171 20.72 13.96 -20.43
C LEU C 171 21.52 12.85 -21.10
N GLU C 172 22.32 12.13 -20.32
CA GLU C 172 22.98 10.89 -20.79
C GLU C 172 22.49 9.72 -19.94
N THR C 173 22.03 8.66 -20.60
CA THR C 173 21.65 7.37 -19.97
C THR C 173 22.94 6.54 -19.81
N VAL C 174 23.22 6.08 -18.59
CA VAL C 174 24.51 5.43 -18.23
C VAL C 174 24.22 4.20 -17.37
N GLU C 175 24.84 3.08 -17.72
CA GLU C 175 24.73 1.80 -16.98
C GLU C 175 26.07 1.60 -16.26
N LEU C 176 26.02 1.31 -14.96
CA LEU C 176 27.26 1.26 -14.14
C LEU C 176 26.97 0.58 -12.79
N LYS C 177 27.97 -0.15 -12.28
CA LYS C 177 27.94 -0.69 -10.91
C LYS C 177 28.05 0.50 -9.95
N GLY C 178 27.31 0.45 -8.85
CA GLY C 178 27.31 1.47 -7.77
C GLY C 178 27.40 0.83 -6.40
N GLN C 179 27.85 1.62 -5.41
CA GLN C 179 27.94 1.24 -3.98
C GLN C 179 26.57 1.42 -3.34
N LEU C 180 25.82 0.30 -3.26
CA LEU C 180 24.44 0.18 -2.71
C LEU C 180 24.50 0.23 -1.19
N ASP C 181 25.53 -0.38 -0.61
CA ASP C 181 25.76 -0.42 0.86
C ASP C 181 27.26 -0.59 1.10
N ASP C 182 27.67 -0.45 2.37
CA ASP C 182 29.04 -0.65 2.90
C ASP C 182 29.82 -1.60 2.01
N LYS C 183 29.33 -2.85 1.91
CA LYS C 183 30.09 -3.99 1.32
C LYS C 183 29.24 -4.67 0.24
N THR C 184 28.35 -3.94 -0.42
CA THR C 184 27.41 -4.51 -1.42
C THR C 184 27.27 -3.55 -2.62
N THR C 185 27.27 -4.12 -3.84
CA THR C 185 27.21 -3.40 -5.14
C THR C 185 25.96 -3.84 -5.92
N TYR C 186 25.66 -3.14 -7.00
CA TYR C 186 24.42 -3.32 -7.80
C TYR C 186 24.66 -2.65 -9.17
N THR C 187 24.06 -3.21 -10.19
CA THR C 187 24.10 -2.59 -11.55
C THR C 187 22.94 -1.60 -11.66
N TYR C 188 23.26 -0.33 -11.44
CA TYR C 188 22.34 0.80 -11.62
C TYR C 188 22.28 1.20 -13.09
N TRP C 189 21.09 1.66 -13.50
CA TRP C 189 20.84 2.41 -14.74
C TRP C 189 20.40 3.84 -14.34
N THR C 190 21.05 4.87 -14.89
CA THR C 190 20.96 6.26 -14.38
C THR C 190 20.85 7.27 -15.53
N PHE C 191 20.32 8.46 -15.20
CA PHE C 191 20.52 9.72 -15.95
C PHE C 191 21.80 10.38 -15.37
N ASN C 192 22.89 10.38 -16.13
CA ASN C 192 24.13 11.13 -15.81
C ASN C 192 24.78 10.54 -14.55
N GLY C 193 24.69 9.22 -14.39
CA GLY C 193 25.56 8.46 -13.47
C GLY C 193 25.26 8.71 -12.01
N LYS C 194 24.01 9.10 -11.68
CA LYS C 194 23.60 9.44 -10.29
C LYS C 194 22.09 9.18 -10.10
N VAL C 195 21.68 8.99 -8.85
CA VAL C 195 20.27 8.64 -8.53
C VAL C 195 19.82 9.46 -7.33
N PRO C 196 18.76 10.28 -7.47
CA PRO C 196 18.08 10.48 -8.75
C PRO C 196 18.91 11.22 -9.81
N GLY C 197 18.30 11.41 -10.99
CA GLY C 197 18.86 12.11 -12.15
C GLY C 197 18.95 13.61 -11.91
N PRO C 198 19.44 14.39 -12.90
CA PRO C 198 19.55 15.85 -12.77
C PRO C 198 18.22 16.52 -12.45
N PHE C 199 18.22 17.40 -11.44
CA PHE C 199 17.08 18.30 -11.12
C PHE C 199 16.96 19.31 -12.27
N LEU C 200 15.87 19.24 -13.02
CA LEU C 200 15.60 20.14 -14.14
C LEU C 200 14.68 21.28 -13.67
N ARG C 201 15.08 22.53 -13.97
CA ARG C 201 14.43 23.77 -13.49
C ARG C 201 14.19 24.69 -14.69
N VAL C 202 12.92 24.89 -15.06
CA VAL C 202 12.50 25.82 -16.13
C VAL C 202 11.33 26.67 -15.62
N ARG C 203 10.89 27.64 -16.44
CA ARG C 203 9.75 28.55 -16.15
C ARG C 203 8.58 28.08 -17.02
N VAL C 204 7.34 28.20 -16.57
CA VAL C 204 6.13 27.90 -17.40
C VAL C 204 6.20 28.79 -18.66
N GLY C 205 5.69 28.27 -19.78
CA GLY C 205 5.74 28.90 -21.11
C GLY C 205 7.02 28.57 -21.88
N ASP C 206 8.09 28.13 -21.20
CA ASP C 206 9.41 27.79 -21.81
C ASP C 206 9.26 26.71 -22.88
N THR C 207 10.14 26.75 -23.88
CA THR C 207 10.30 25.67 -24.89
C THR C 207 11.56 24.88 -24.50
N VAL C 208 11.42 23.58 -24.24
CA VAL C 208 12.55 22.68 -23.82
C VAL C 208 13.09 21.95 -25.05
N GLU C 209 14.37 22.15 -25.33
CA GLU C 209 15.12 21.43 -26.38
C GLU C 209 15.88 20.30 -25.68
N LEU C 210 15.29 19.10 -25.63
CA LEU C 210 15.89 17.94 -24.93
C LEU C 210 16.80 17.14 -25.87
N HIS C 211 18.07 16.97 -25.47
CA HIS C 211 19.04 16.00 -26.07
C HIS C 211 19.29 14.84 -25.10
N LEU C 212 19.04 13.61 -25.56
CA LEU C 212 19.27 12.35 -24.79
C LEU C 212 20.35 11.53 -25.50
N LYS C 213 21.59 11.58 -25.01
CA LYS C 213 22.73 10.70 -25.44
C LYS C 213 22.67 9.42 -24.58
N ASN C 214 22.52 8.24 -25.21
CA ASN C 214 22.67 6.89 -24.60
C ASN C 214 24.13 6.43 -24.76
N ALA C 215 24.83 6.13 -23.66
CA ALA C 215 26.27 5.79 -23.67
C ALA C 215 26.53 4.58 -24.58
N LYS C 216 27.71 4.53 -25.19
CA LYS C 216 28.17 3.42 -26.08
C LYS C 216 28.11 2.07 -25.32
N ASP C 217 28.52 2.04 -24.04
CA ASP C 217 28.68 0.79 -23.24
C ASP C 217 27.35 0.30 -22.63
N SER C 218 26.21 0.86 -23.04
CA SER C 218 24.86 0.42 -22.61
C SER C 218 24.48 -0.86 -23.36
N LEU C 219 23.96 -1.84 -22.63
CA LEU C 219 23.24 -3.00 -23.21
C LEU C 219 21.84 -2.58 -23.66
N MET C 220 21.15 -1.71 -22.91
CA MET C 220 19.70 -1.45 -23.16
C MET C 220 19.47 -0.12 -23.87
N ILE C 221 18.44 -0.10 -24.72
CA ILE C 221 17.72 1.12 -25.19
C ILE C 221 17.27 1.90 -23.95
N HIS C 222 17.36 3.22 -23.97
CA HIS C 222 16.82 4.10 -22.89
C HIS C 222 16.00 5.24 -23.51
N SER C 223 15.22 5.92 -22.66
CA SER C 223 14.22 6.93 -23.08
C SER C 223 13.90 7.85 -21.90
N VAL C 224 12.93 8.76 -22.05
CA VAL C 224 12.47 9.60 -20.91
C VAL C 224 11.03 10.06 -21.20
N ASP C 225 10.16 9.82 -20.22
CA ASP C 225 8.80 10.41 -20.06
C ASP C 225 8.93 11.46 -18.95
N PHE C 226 8.69 12.75 -19.27
CA PHE C 226 8.46 13.85 -18.29
C PHE C 226 6.96 13.99 -17.99
N HIS C 227 6.59 14.01 -16.70
CA HIS C 227 5.17 14.25 -16.29
C HIS C 227 4.76 15.70 -16.57
N GLY C 228 5.70 16.64 -16.78
CA GLY C 228 5.44 18.07 -17.12
C GLY C 228 5.40 18.37 -18.61
N ALA C 229 5.27 17.35 -19.46
CA ALA C 229 5.29 17.41 -20.94
C ALA C 229 3.97 16.84 -21.48
N THR C 230 3.44 17.46 -22.54
CA THR C 230 2.09 17.14 -23.06
C THR C 230 2.22 16.56 -24.47
N GLY C 231 1.87 15.28 -24.64
CA GLY C 231 1.94 14.54 -25.92
C GLY C 231 2.41 13.10 -25.74
N PRO C 232 2.53 12.30 -26.83
CA PRO C 232 2.83 10.86 -26.73
C PRO C 232 3.99 10.49 -25.79
N GLY C 233 3.70 9.65 -24.80
CA GLY C 233 4.69 9.06 -23.88
C GLY C 233 5.35 10.09 -22.98
N GLY C 234 4.80 11.32 -22.87
CA GLY C 234 5.43 12.45 -22.18
C GLY C 234 6.85 12.69 -22.69
N ALA C 235 7.05 12.40 -23.99
CA ALA C 235 8.32 12.52 -24.77
C ALA C 235 8.90 11.14 -25.12
N ALA C 236 8.45 10.04 -24.48
CA ALA C 236 9.01 8.67 -24.62
C ALA C 236 8.95 8.19 -26.08
N ALA C 237 7.86 8.50 -26.80
CA ALA C 237 7.66 8.10 -28.22
C ALA C 237 8.76 8.67 -29.13
N TYR C 238 9.45 9.75 -28.74
CA TYR C 238 10.50 10.46 -29.51
C TYR C 238 11.90 10.31 -28.88
N THR C 239 12.07 9.52 -27.80
CA THR C 239 13.35 9.45 -27.04
C THR C 239 13.90 8.01 -26.97
N GLN C 240 13.29 7.05 -27.66
CA GLN C 240 13.79 5.65 -27.65
C GLN C 240 15.16 5.68 -28.35
N THR C 241 16.24 5.55 -27.59
CA THR C 241 17.62 5.85 -28.04
C THR C 241 18.46 4.57 -27.97
N ASP C 242 19.02 4.12 -29.11
CA ASP C 242 19.98 2.98 -29.15
C ASP C 242 21.27 3.36 -28.43
N PRO C 243 22.03 2.38 -27.90
CA PRO C 243 23.35 2.65 -27.32
C PRO C 243 24.25 3.30 -28.38
N GLY C 244 24.99 4.35 -28.00
CA GLY C 244 25.88 5.13 -28.88
C GLY C 244 25.12 6.16 -29.72
N ALA C 245 23.79 6.18 -29.66
CA ALA C 245 22.90 7.09 -30.40
C ALA C 245 22.44 8.25 -29.51
N GLU C 246 21.74 9.21 -30.14
CA GLU C 246 21.21 10.46 -29.55
C GLU C 246 19.82 10.72 -30.14
N THR C 247 18.83 11.01 -29.30
CA THR C 247 17.53 11.55 -29.75
C THR C 247 17.52 13.04 -29.37
N VAL C 248 16.78 13.83 -30.15
CA VAL C 248 16.49 15.27 -29.85
C VAL C 248 14.97 15.40 -29.93
N VAL C 249 14.34 16.02 -28.93
CA VAL C 249 12.87 16.31 -28.90
C VAL C 249 12.68 17.74 -28.33
N THR C 250 11.61 18.39 -28.77
CA THR C 250 11.20 19.75 -28.37
C THR C 250 9.81 19.64 -27.77
N PHE C 251 9.58 20.25 -26.60
CA PHE C 251 8.23 20.26 -25.97
C PHE C 251 8.07 21.55 -25.16
N LYS C 252 6.83 22.00 -25.04
CA LYS C 252 6.48 23.24 -24.33
C LYS C 252 6.10 22.83 -22.91
N ALA C 253 6.59 23.62 -21.94
CA ALA C 253 6.25 23.50 -20.50
C ALA C 253 4.99 24.35 -20.21
N LEU C 254 3.82 23.77 -20.46
CA LEU C 254 2.50 24.46 -20.46
C LEU C 254 1.96 24.60 -19.03
N VAL C 255 2.44 23.80 -18.07
CA VAL C 255 1.84 23.75 -16.70
C VAL C 255 2.89 23.87 -15.62
N PRO C 256 2.73 24.81 -14.66
CA PRO C 256 3.60 24.87 -13.50
C PRO C 256 3.33 23.66 -12.61
N GLY C 257 4.38 23.14 -11.99
CA GLY C 257 4.29 21.98 -11.09
C GLY C 257 5.64 21.40 -10.77
N ILE C 258 5.66 20.37 -9.91
CA ILE C 258 6.88 19.57 -9.57
C ILE C 258 6.68 18.14 -10.08
N PHE C 259 7.31 17.82 -11.20
CA PHE C 259 7.01 16.63 -12.05
C PHE C 259 8.13 15.59 -11.91
N VAL C 260 7.79 14.31 -11.72
CA VAL C 260 8.85 13.27 -11.80
C VAL C 260 8.99 12.95 -13.29
N TYR C 261 10.24 12.74 -13.72
CA TYR C 261 10.60 12.17 -15.05
C TYR C 261 11.31 10.85 -14.80
N HIS C 262 11.18 9.91 -15.75
CA HIS C 262 11.73 8.53 -15.66
C HIS C 262 11.91 7.96 -17.06
N CYS C 263 12.79 6.97 -17.19
CA CYS C 263 12.96 6.19 -18.45
C CYS C 263 11.61 5.52 -18.75
N ALA C 264 11.24 5.42 -20.03
CA ALA C 264 9.97 4.80 -20.45
C ALA C 264 10.24 3.71 -21.50
N THR C 265 11.38 3.00 -21.43
CA THR C 265 11.72 1.82 -22.28
C THR C 265 11.36 0.55 -21.52
N PRO C 266 10.62 -0.42 -22.11
CA PRO C 266 10.25 -1.64 -21.39
C PRO C 266 11.47 -2.48 -21.00
N SER C 267 11.44 -3.14 -19.82
CA SER C 267 10.40 -3.06 -18.80
C SER C 267 10.56 -1.74 -18.04
N VAL C 268 9.53 -0.91 -18.02
CA VAL C 268 9.60 0.44 -17.40
C VAL C 268 9.85 0.31 -15.90
N PRO C 269 9.14 -0.61 -15.19
CA PRO C 269 9.41 -0.87 -13.77
C PRO C 269 10.88 -1.24 -13.48
N ASN C 270 11.47 -2.05 -14.39
CA ASN C 270 12.88 -2.51 -14.33
C ASN C 270 13.79 -1.28 -14.47
N HIS C 271 13.57 -0.45 -15.49
CA HIS C 271 14.37 0.78 -15.72
C HIS C 271 14.23 1.73 -14.50
N ILE C 272 13.05 1.81 -13.90
CA ILE C 272 12.83 2.73 -12.75
C ILE C 272 13.57 2.19 -11.52
N THR C 273 13.39 0.92 -11.15
CA THR C 273 14.04 0.34 -9.95
C THR C 273 15.56 0.51 -10.05
N ASN C 274 16.15 0.41 -11.25
CA ASN C 274 17.63 0.40 -11.44
C ASN C 274 18.22 1.81 -11.31
N GLY C 275 17.37 2.86 -11.33
CA GLY C 275 17.75 4.22 -10.87
C GLY C 275 17.16 5.36 -11.71
N MET C 276 16.43 5.10 -12.80
CA MET C 276 16.16 6.09 -13.89
C MET C 276 14.91 6.92 -13.54
N TYR C 277 15.01 7.71 -12.46
CA TYR C 277 14.01 8.72 -12.06
C TYR C 277 14.69 10.00 -11.56
N GLY C 278 13.99 11.13 -11.72
CA GLY C 278 14.40 12.50 -11.32
C GLY C 278 13.22 13.45 -11.27
N LEU C 279 13.46 14.74 -11.00
CA LEU C 279 12.38 15.77 -10.83
C LEU C 279 12.54 16.92 -11.83
N LEU C 280 11.45 17.33 -12.47
CA LEU C 280 11.35 18.56 -13.31
C LEU C 280 10.43 19.59 -12.62
N LEU C 281 11.03 20.69 -12.14
CA LEU C 281 10.31 21.88 -11.59
C LEU C 281 9.99 22.82 -12.74
N VAL C 282 8.71 23.04 -13.02
CA VAL C 282 8.25 24.14 -13.91
C VAL C 282 7.74 25.26 -13.00
N GLU C 283 8.58 26.28 -12.73
CA GLU C 283 8.23 27.43 -11.87
C GLU C 283 7.01 28.13 -12.43
N PRO C 284 6.10 28.65 -11.57
CA PRO C 284 5.00 29.49 -12.04
C PRO C 284 5.61 30.89 -12.30
N GLU C 285 4.86 31.80 -12.91
CA GLU C 285 5.40 33.10 -13.39
C GLU C 285 6.12 33.83 -12.23
N GLY C 286 5.50 33.93 -11.06
CA GLY C 286 6.13 34.57 -9.90
C GLY C 286 7.40 33.88 -9.42
N GLY C 287 7.59 32.60 -9.75
CA GLY C 287 8.50 31.68 -9.04
C GLY C 287 7.86 31.17 -7.76
N LEU C 288 8.53 30.27 -7.01
CA LEU C 288 8.04 29.81 -5.69
C LEU C 288 8.40 30.84 -4.62
N PRO C 289 7.63 30.95 -3.52
CA PRO C 289 7.98 31.82 -2.39
C PRO C 289 9.45 31.68 -2.03
N GLN C 290 10.14 32.77 -1.71
CA GLN C 290 11.59 32.68 -1.45
C GLN C 290 11.73 31.90 -0.14
N VAL C 291 12.76 31.07 -0.06
CA VAL C 291 13.19 30.31 1.14
C VAL C 291 14.72 30.44 1.20
N ASP C 292 15.30 30.18 2.36
CA ASP C 292 16.76 30.32 2.56
C ASP C 292 17.49 29.16 1.85
N ARG C 293 16.96 27.93 1.90
CA ARG C 293 17.69 26.72 1.39
C ARG C 293 16.71 25.67 0.83
N GLU C 294 17.06 25.10 -0.34
CA GLU C 294 16.29 24.04 -1.05
C GLU C 294 17.07 22.71 -1.07
N PHE C 295 16.35 21.58 -1.14
CA PHE C 295 16.96 20.23 -1.20
C PHE C 295 16.19 19.35 -2.19
N TYR C 296 16.91 18.40 -2.76
CA TYR C 296 16.43 17.40 -3.77
C TYR C 296 16.46 15.99 -3.18
N VAL C 297 15.29 15.39 -2.94
CA VAL C 297 15.15 14.01 -2.38
C VAL C 297 14.12 13.18 -3.14
N MET C 298 14.49 11.94 -3.47
CA MET C 298 13.62 10.96 -4.16
C MET C 298 13.79 9.59 -3.48
N GLN C 299 12.67 8.87 -3.33
CA GLN C 299 12.58 7.52 -2.72
C GLN C 299 12.34 6.50 -3.83
N GLY C 300 12.95 5.33 -3.66
CA GLY C 300 12.70 4.19 -4.55
C GLY C 300 12.99 2.88 -3.87
N GLU C 301 12.72 1.80 -4.60
CA GLU C 301 12.93 0.42 -4.11
C GLU C 301 13.93 -0.27 -5.03
N ILE C 302 14.70 -1.23 -4.48
CA ILE C 302 15.51 -2.18 -5.28
C ILE C 302 15.13 -3.61 -4.88
N TYR C 303 15.02 -4.48 -5.88
CA TYR C 303 14.46 -5.85 -5.76
C TYR C 303 15.58 -6.86 -6.01
N THR C 304 16.26 -7.28 -4.95
CA THR C 304 17.43 -8.17 -5.00
C THR C 304 17.07 -9.61 -4.63
N VAL C 305 17.84 -10.56 -5.21
CA VAL C 305 17.79 -12.01 -4.90
C VAL C 305 18.03 -12.22 -3.40
N LYS C 306 19.15 -11.73 -2.88
CA LYS C 306 19.58 -11.94 -1.47
C LYS C 306 19.01 -10.82 -0.62
N PRO C 307 18.69 -11.09 0.67
CA PRO C 307 18.03 -10.08 1.50
C PRO C 307 18.92 -8.87 1.80
N PHE C 308 18.28 -7.80 2.29
CA PHE C 308 18.94 -6.60 2.85
C PHE C 308 20.11 -6.99 3.76
N GLY C 309 21.28 -6.39 3.57
CA GLY C 309 22.44 -6.58 4.46
C GLY C 309 23.47 -7.55 3.90
N THR C 310 23.10 -8.35 2.90
CA THR C 310 24.01 -9.30 2.22
C THR C 310 25.12 -8.51 1.50
N SER C 311 26.38 -8.91 1.72
CA SER C 311 27.63 -8.41 1.07
C SER C 311 27.73 -9.02 -0.33
N GLY C 312 28.50 -8.38 -1.21
CA GLY C 312 28.80 -8.90 -2.56
C GLY C 312 28.09 -8.10 -3.64
N GLU C 313 28.12 -8.60 -4.87
CA GLU C 313 27.30 -8.00 -5.95
C GLU C 313 25.88 -8.53 -5.74
N GLN C 314 24.93 -7.64 -5.45
CA GLN C 314 23.47 -7.95 -5.45
C GLN C 314 22.97 -7.94 -6.89
N GLU C 315 22.07 -8.87 -7.22
CA GLU C 315 21.42 -9.03 -8.54
C GLU C 315 19.89 -8.85 -8.44
N MET C 316 19.24 -8.45 -9.52
CA MET C 316 17.79 -8.16 -9.58
C MET C 316 16.97 -9.46 -9.63
N ASP C 317 15.82 -9.49 -8.96
CA ASP C 317 14.93 -10.68 -8.86
C ASP C 317 13.60 -10.28 -9.49
N TYR C 318 13.29 -10.81 -10.69
CA TYR C 318 12.15 -10.36 -11.54
C TYR C 318 10.87 -10.75 -10.80
N GLU C 319 10.84 -11.96 -10.24
CA GLU C 319 9.65 -12.44 -9.49
C GLU C 319 9.37 -11.46 -8.35
N LYS C 320 10.38 -10.89 -7.68
CA LYS C 320 10.14 -9.98 -6.54
C LYS C 320 9.61 -8.62 -7.05
N LEU C 321 10.11 -8.16 -8.21
CA LEU C 321 9.72 -6.86 -8.82
C LEU C 321 8.23 -6.89 -9.24
N ILE C 322 7.79 -7.90 -10.00
CA ILE C 322 6.38 -7.93 -10.49
C ILE C 322 5.38 -8.25 -9.34
N SER C 323 5.86 -8.83 -8.24
CA SER C 323 5.05 -9.15 -7.03
C SER C 323 5.20 -8.07 -5.95
N GLU C 324 5.99 -7.02 -6.19
CA GLU C 324 6.06 -5.81 -5.34
C GLU C 324 6.62 -6.19 -3.95
N LYS C 325 7.70 -6.97 -3.91
CA LYS C 325 8.32 -7.40 -2.63
C LYS C 325 9.80 -7.01 -2.63
N PRO C 326 10.12 -5.73 -2.42
CA PRO C 326 11.51 -5.27 -2.45
C PRO C 326 12.34 -5.65 -1.21
N GLU C 327 13.67 -5.51 -1.30
CA GLU C 327 14.61 -5.75 -0.17
C GLU C 327 15.25 -4.42 0.28
N TYR C 328 15.32 -3.42 -0.61
CA TYR C 328 15.89 -2.09 -0.26
C TYR C 328 14.87 -1.00 -0.57
N PHE C 329 14.67 -0.13 0.42
CA PHE C 329 13.98 1.18 0.32
C PHE C 329 15.02 2.29 0.50
N LEU C 330 15.12 3.19 -0.48
CA LEU C 330 16.30 4.10 -0.56
C LEU C 330 15.90 5.55 -0.82
N PHE C 331 16.64 6.45 -0.19
CA PHE C 331 16.69 7.89 -0.54
C PHE C 331 17.92 8.08 -1.40
N ASN C 332 17.75 8.64 -2.59
CA ASN C 332 18.88 9.06 -3.47
C ASN C 332 19.84 7.88 -3.60
N GLY C 333 19.34 6.68 -3.92
CA GLY C 333 20.09 5.62 -4.61
C GLY C 333 20.86 4.62 -3.76
N SER C 334 21.15 4.90 -2.47
CA SER C 334 22.06 4.01 -1.70
C SER C 334 21.76 4.01 -0.19
N VAL C 335 22.16 2.93 0.48
CA VAL C 335 22.10 2.85 1.97
C VAL C 335 23.20 3.78 2.52
N GLY C 336 22.82 4.68 3.42
CA GLY C 336 23.69 5.72 3.99
C GLY C 336 23.78 6.98 3.13
N ALA C 337 23.13 7.02 1.97
CA ALA C 337 23.13 8.17 1.05
C ALA C 337 22.97 9.50 1.79
N LEU C 338 21.97 9.64 2.67
CA LEU C 338 21.63 10.91 3.35
C LEU C 338 21.95 10.85 4.85
N THR C 339 22.72 9.86 5.30
CA THR C 339 23.24 9.77 6.68
C THR C 339 24.77 9.88 6.70
N ARG C 340 25.45 9.10 5.86
CA ARG C 340 26.93 8.90 5.89
C ARG C 340 27.57 9.72 4.76
N THR C 341 27.15 9.53 3.51
CA THR C 341 27.92 9.98 2.32
C THR C 341 27.53 11.44 1.99
N HIS C 342 26.24 11.78 1.85
CA HIS C 342 25.79 13.12 1.42
C HIS C 342 24.61 13.62 2.26
N PRO C 343 24.75 13.82 3.59
CA PRO C 343 23.63 14.35 4.38
C PRO C 343 23.27 15.83 4.12
N LEU C 344 22.09 16.23 4.62
CA LEU C 344 21.53 17.62 4.56
C LEU C 344 22.09 18.42 5.74
N TYR C 345 22.34 19.72 5.49
CA TYR C 345 22.91 20.73 6.43
C TYR C 345 22.18 22.06 6.32
N ALA C 346 21.87 22.69 7.45
CA ALA C 346 21.24 24.02 7.52
C ALA C 346 21.57 24.71 8.85
N ASN C 347 21.14 25.95 8.99
CA ASN C 347 21.42 26.81 10.18
C ASN C 347 20.10 27.20 10.82
N VAL C 348 20.14 27.36 12.13
CA VAL C 348 18.94 27.77 12.92
C VAL C 348 18.39 29.05 12.30
N GLY C 349 17.07 29.14 12.14
CA GLY C 349 16.40 30.37 11.68
C GLY C 349 16.18 30.41 10.18
N GLU C 350 16.72 29.44 9.42
CA GLU C 350 16.47 29.33 7.96
C GLU C 350 15.10 28.70 7.70
N THR C 351 14.40 29.17 6.65
CA THR C 351 13.28 28.44 6.01
C THR C 351 13.88 27.47 4.97
N VAL C 352 13.51 26.18 5.09
CA VAL C 352 14.00 25.03 4.28
C VAL C 352 12.89 24.57 3.34
N ARG C 353 13.21 24.24 2.08
CA ARG C 353 12.25 23.58 1.16
C ARG C 353 12.87 22.26 0.66
N ILE C 354 12.10 21.16 0.77
CA ILE C 354 12.46 19.83 0.19
C ILE C 354 11.52 19.57 -0.99
N PHE C 355 12.07 19.43 -2.19
CA PHE C 355 11.38 18.77 -3.33
C PHE C 355 11.52 17.27 -3.09
N PHE C 356 10.41 16.59 -2.86
CA PHE C 356 10.39 15.16 -2.52
C PHE C 356 9.50 14.45 -3.52
N GLY C 357 10.09 13.58 -4.33
CA GLY C 357 9.36 12.74 -5.29
C GLY C 357 9.64 11.26 -5.07
N VAL C 358 8.68 10.43 -5.47
CA VAL C 358 8.86 8.95 -5.45
C VAL C 358 9.01 8.42 -6.89
N GLY C 359 10.20 7.94 -7.24
CA GLY C 359 10.39 7.14 -8.47
C GLY C 359 9.64 5.82 -8.34
N GLY C 360 9.81 5.17 -7.19
CA GLY C 360 9.15 3.89 -6.87
C GLY C 360 10.08 2.73 -7.24
N PRO C 361 9.64 1.81 -8.12
CA PRO C 361 8.44 1.99 -8.93
C PRO C 361 7.04 1.80 -8.34
N ASN C 362 6.88 1.20 -7.14
CA ASN C 362 5.60 0.57 -6.70
C ASN C 362 5.03 1.14 -5.38
N PHE C 363 5.83 1.69 -4.46
CA PHE C 363 5.38 2.01 -3.08
C PHE C 363 5.12 3.50 -2.86
N THR C 364 4.02 3.80 -2.18
CA THR C 364 3.60 5.16 -1.71
C THR C 364 4.38 5.52 -0.43
N SER C 365 4.99 6.69 -0.37
CA SER C 365 5.78 7.12 0.80
C SER C 365 4.90 7.95 1.76
N SER C 366 4.98 7.65 3.06
CA SER C 366 4.35 8.44 4.14
C SER C 366 5.43 9.39 4.70
N PHE C 367 5.79 10.42 3.92
CA PHE C 367 6.98 11.29 4.17
C PHE C 367 6.76 12.14 5.42
N HIS C 368 7.82 12.24 6.21
CA HIS C 368 7.81 12.85 7.57
C HIS C 368 9.25 13.23 7.92
N VAL C 369 9.43 14.28 8.70
CA VAL C 369 10.76 14.68 9.24
C VAL C 369 10.64 14.67 10.75
N ILE C 370 11.31 13.75 11.42
CA ILE C 370 11.20 13.57 12.88
C ILE C 370 11.73 14.86 13.52
N GLY C 371 10.92 15.46 14.39
CA GLY C 371 11.27 16.66 15.18
C GLY C 371 10.83 17.96 14.52
N GLU C 372 10.10 17.87 13.40
CA GLU C 372 9.65 19.05 12.64
C GLU C 372 8.21 18.83 12.18
N ILE C 373 7.58 19.92 11.78
CA ILE C 373 6.17 19.96 11.29
C ILE C 373 6.25 20.76 10.00
N PHE C 374 5.52 20.32 8.98
CA PHE C 374 5.50 21.00 7.66
C PHE C 374 4.63 22.24 7.79
N ASP C 375 5.25 23.43 7.67
CA ASP C 375 4.53 24.73 7.60
C ASP C 375 3.59 24.68 6.38
N HIS C 376 4.11 24.32 5.20
CA HIS C 376 3.36 24.24 3.90
C HIS C 376 3.60 22.88 3.23
N VAL C 377 2.55 22.33 2.64
CA VAL C 377 2.60 21.07 1.85
C VAL C 377 1.87 21.36 0.54
N TYR C 378 2.56 21.30 -0.59
CA TYR C 378 1.94 21.48 -1.93
C TYR C 378 1.31 20.12 -2.30
N ALA C 379 0.07 19.91 -1.84
CA ALA C 379 -0.75 18.68 -1.97
C ALA C 379 -0.78 18.23 -3.43
N LEU C 380 -0.36 16.97 -3.67
CA LEU C 380 -0.34 16.26 -4.98
C LEU C 380 0.60 16.98 -5.96
N GLY C 381 1.56 17.74 -5.41
CA GLY C 381 2.57 18.54 -6.16
C GLY C 381 1.98 19.72 -6.92
N SER C 382 0.76 20.15 -6.58
CA SER C 382 0.16 21.38 -7.16
C SER C 382 0.94 22.58 -6.65
N VAL C 383 1.32 23.45 -7.56
CA VAL C 383 2.15 24.63 -7.26
C VAL C 383 1.25 25.88 -7.39
N THR C 384 0.08 25.70 -7.99
CA THR C 384 -0.92 26.76 -8.30
C THR C 384 -2.02 26.76 -7.23
N SER C 385 -2.39 25.62 -6.67
CA SER C 385 -3.37 25.57 -5.56
C SER C 385 -2.69 25.99 -4.26
N PRO C 386 -3.47 26.63 -3.34
CA PRO C 386 -2.96 27.04 -2.03
C PRO C 386 -2.45 25.85 -1.24
N PRO C 387 -1.22 25.94 -0.70
CA PRO C 387 -0.65 24.86 0.10
C PRO C 387 -1.45 24.63 1.40
N LEU C 388 -1.47 23.37 1.85
CA LEU C 388 -1.98 22.98 3.18
C LEU C 388 -0.91 23.39 4.19
N THR C 389 -1.34 23.58 5.45
CA THR C 389 -0.56 24.21 6.54
C THR C 389 -0.63 23.31 7.78
N GLY C 390 0.49 23.24 8.52
CA GLY C 390 0.60 22.51 9.80
C GLY C 390 0.34 21.02 9.64
N VAL C 391 1.21 20.31 8.92
CA VAL C 391 0.99 18.90 8.49
C VAL C 391 2.18 18.03 8.96
N GLN C 392 1.90 16.95 9.72
CA GLN C 392 2.93 16.04 10.29
C GLN C 392 3.51 15.16 9.16
N THR C 393 2.66 14.62 8.29
CA THR C 393 3.01 13.50 7.37
C THR C 393 2.15 13.61 6.11
N VAL C 394 2.76 13.42 4.93
CA VAL C 394 2.08 13.50 3.60
C VAL C 394 2.30 12.19 2.81
N SER C 395 1.25 11.60 2.24
CA SER C 395 1.33 10.52 1.23
C SER C 395 1.78 11.07 -0.13
N VAL C 396 2.85 10.51 -0.67
CA VAL C 396 3.32 10.73 -2.06
C VAL C 396 3.26 9.39 -2.79
N PRO C 397 2.47 9.27 -3.87
CA PRO C 397 2.44 8.03 -4.65
C PRO C 397 3.67 7.84 -5.52
N PRO C 398 3.97 6.63 -6.01
CA PRO C 398 4.97 6.47 -7.07
C PRO C 398 4.53 7.26 -8.31
N GLY C 399 5.46 7.90 -9.02
CA GLY C 399 5.13 8.81 -10.15
C GLY C 399 4.47 10.10 -9.68
N GLY C 400 4.60 10.43 -8.39
CA GLY C 400 4.18 11.72 -7.81
C GLY C 400 5.30 12.37 -7.01
N ALA C 401 5.19 13.70 -6.84
CA ALA C 401 6.06 14.49 -5.95
C ALA C 401 5.22 15.45 -5.16
N THR C 402 5.87 16.16 -4.25
CA THR C 402 5.33 17.29 -3.47
C THR C 402 6.47 18.27 -3.19
N ILE C 403 6.13 19.36 -2.51
CA ILE C 403 7.05 20.34 -1.90
C ILE C 403 6.61 20.52 -0.46
N VAL C 404 7.56 20.54 0.45
CA VAL C 404 7.28 20.87 1.88
C VAL C 404 8.25 21.98 2.22
N ASP C 405 7.84 22.89 3.10
CA ASP C 405 8.79 23.82 3.75
C ASP C 405 8.44 23.93 5.24
N PHE C 406 9.44 24.32 6.03
CA PHE C 406 9.29 24.59 7.48
C PHE C 406 10.40 25.55 7.90
N LYS C 407 10.22 26.27 9.01
CA LYS C 407 11.30 27.09 9.60
C LYS C 407 11.99 26.26 10.67
N LEU C 408 13.33 26.25 10.64
CA LEU C 408 14.15 25.61 11.70
C LEU C 408 14.24 26.56 12.90
N ASP C 409 13.44 26.29 13.92
CA ASP C 409 13.27 27.21 15.07
C ASP C 409 14.42 26.98 16.05
N ARG C 410 15.04 25.81 15.98
CA ARG C 410 16.14 25.40 16.91
C ARG C 410 16.99 24.29 16.27
N GLY C 411 17.98 23.79 17.00
CA GLY C 411 18.99 22.86 16.49
C GLY C 411 18.63 21.41 16.76
N GLY C 412 19.34 20.51 16.08
CA GLY C 412 19.16 19.05 16.21
C GLY C 412 19.61 18.30 14.97
N ARG C 413 19.60 16.97 15.07
CA ARG C 413 19.58 16.07 13.89
C ARG C 413 18.11 15.76 13.61
N TYR C 414 17.58 16.23 12.49
CA TYR C 414 16.19 15.97 12.07
C TYR C 414 16.26 14.78 11.10
N VAL C 415 15.33 13.81 11.20
CA VAL C 415 15.41 12.54 10.44
C VAL C 415 14.29 12.44 9.39
N LEU C 416 14.65 12.27 8.12
CA LEU C 416 13.70 12.04 7.00
C LEU C 416 13.35 10.56 7.00
N VAL C 417 12.06 10.23 7.00
CA VAL C 417 11.57 8.82 6.99
C VAL C 417 10.31 8.69 6.12
N ASP C 418 10.09 7.49 5.58
CA ASP C 418 8.75 6.94 5.22
C ASP C 418 8.20 6.36 6.52
N HIS C 419 7.02 6.77 6.96
CA HIS C 419 6.52 6.48 8.33
C HIS C 419 5.86 5.10 8.36
N ALA C 420 5.84 4.39 7.23
CA ALA C 420 5.79 2.92 7.22
C ALA C 420 7.17 2.43 7.67
N LEU C 421 7.37 2.36 8.98
CA LEU C 421 8.70 2.45 9.64
C LEU C 421 9.50 1.16 9.56
N SER C 422 8.89 0.05 9.13
CA SER C 422 9.65 -1.17 8.80
C SER C 422 10.64 -0.86 7.68
N ARG C 423 10.49 0.26 6.95
CA ARG C 423 11.42 0.58 5.85
C ARG C 423 12.74 1.14 6.40
N LEU C 424 12.81 1.47 7.67
CA LEU C 424 14.08 1.81 8.36
C LEU C 424 15.04 0.62 8.23
N ASP C 425 14.52 -0.59 8.37
CA ASP C 425 15.34 -1.84 8.43
C ASP C 425 15.71 -2.34 7.01
N HIS C 426 15.27 -1.64 5.96
CA HIS C 426 15.63 -1.87 4.54
C HIS C 426 16.41 -0.68 3.97
N GLY C 427 16.90 0.24 4.80
CA GLY C 427 17.84 1.30 4.40
C GLY C 427 17.26 2.70 4.26
N LEU C 428 15.95 2.90 4.51
CA LEU C 428 15.27 4.20 4.27
C LEU C 428 15.30 5.04 5.55
N VAL C 429 16.35 5.85 5.66
CA VAL C 429 16.47 6.91 6.70
C VAL C 429 17.42 8.00 6.16
N GLY C 430 17.24 9.25 6.58
CA GLY C 430 18.12 10.37 6.21
C GLY C 430 18.25 11.39 7.34
N PHE C 431 19.35 12.14 7.32
CA PHE C 431 19.70 13.13 8.36
C PHE C 431 19.74 14.56 7.78
N LEU C 432 19.06 15.47 8.49
CA LEU C 432 19.21 16.95 8.39
C LEU C 432 19.92 17.40 9.67
N ASN C 433 21.20 17.79 9.54
CA ASN C 433 22.12 18.22 10.64
C ASN C 433 22.02 19.75 10.79
N VAL C 434 21.66 20.23 11.98
CA VAL C 434 21.46 21.67 12.32
C VAL C 434 22.13 21.97 13.68
N ASP C 435 23.21 22.77 13.66
CA ASP C 435 23.98 23.28 14.83
C ASP C 435 23.15 24.20 15.74
N GLY C 436 22.94 23.79 17.01
CA GLY C 436 22.34 24.61 18.08
C GLY C 436 22.57 23.98 19.45
N PRO C 437 22.29 24.67 20.58
CA PRO C 437 22.37 24.06 21.91
C PRO C 437 21.38 22.88 22.07
N LYS C 438 21.67 21.94 22.99
CA LYS C 438 20.78 20.78 23.31
C LYS C 438 19.45 21.30 23.88
N ASN C 439 19.50 22.22 24.84
CA ASN C 439 18.33 22.77 25.61
C ASN C 439 18.12 24.24 25.25
N ASP C 440 16.85 24.66 25.18
CA ASP C 440 16.40 26.04 24.84
C ASP C 440 14.92 26.19 25.28
N ALA C 441 14.26 27.28 24.92
CA ALA C 441 12.86 27.60 25.32
C ALA C 441 11.84 26.63 24.70
N ILE C 442 12.12 26.08 23.51
CA ILE C 442 11.16 25.32 22.65
C ILE C 442 11.13 23.82 23.05
N MET C 443 12.24 23.30 23.58
CA MET C 443 12.36 21.89 24.07
C MET C 443 13.60 21.79 24.97
N HIS C 444 13.43 21.32 26.20
CA HIS C 444 14.53 21.18 27.20
C HIS C 444 14.25 20.03 28.18
N GLU C 445 15.34 19.46 28.71
CA GLU C 445 15.35 18.55 29.90
C GLU C 445 14.60 19.24 31.04
N GLY C 446 14.14 18.47 32.04
CA GLY C 446 13.54 19.02 33.27
C GLY C 446 12.25 19.80 32.98
N PRO C 447 11.60 20.35 34.05
CA PRO C 447 10.36 21.12 33.91
C PRO C 447 10.65 22.57 33.50
N PRO C 448 9.62 23.42 33.27
CA PRO C 448 9.83 24.75 32.65
C PRO C 448 10.96 25.67 33.16
CU CU D . 8.47 1.51 23.86
CU CU E . 6.69 9.36 14.06
CU CU F . -16.43 -33.53 -3.30
N NO2 G . 8.47 9.33 13.39
O1 NO2 G . 9.10 8.28 13.08
O2 NO2 G . 8.41 10.11 14.38
N NO2 H . -18.26 -0.24 2.44
O1 NO2 H . -17.70 -0.98 3.26
O2 NO2 H . -19.19 0.61 2.55
CU CU I . -22.92 -9.94 -4.63
CU CU J . -18.11 0.47 0.77
CU CU K . 24.27 -19.95 -20.39
N NO L . 4.07 7.41 -16.85
O NO L . 4.26 6.18 -16.67
CU CU M . 16.17 3.13 -19.29
CU CU N . 5.20 8.11 -15.42
CU CU O . 17.63 -21.14 25.38
#